data_5B26
#
_entry.id   5B26
#
_cell.length_a   29.128
_cell.length_b   110.523
_cell.length_c   109.810
_cell.angle_alpha   90.00
_cell.angle_beta   90.61
_cell.angle_gamma   90.00
#
_symmetry.space_group_name_H-M   'P 1 21 1'
#
loop_
_entity.id
_entity.type
_entity.pdbx_description
1 polymer 'Protein sel-1 homolog 1'
2 water water
#
_entity_poly.entity_id   1
_entity_poly.type   'polypeptide(L)'
_entity_poly.pdbx_seq_one_letter_code
;NSGMLEEDLIQYYQFLAEKGDVQAQVGLGQLHLHGGRGVEQNHQRAFDYFNLAANAGNSHAMAFLGKMYSEGSDIVPQSN
ETALHYFKKAADMGNPVGQSGLGMAYLYGRGVQVNYDLALKYFQKAAEQGWVDGQLQLGSMYYNGIGVKRDYKQALKYFN
LASQGGHILAFYNLAQMHASGTGVMR
;
_entity_poly.pdbx_strand_id   A,B,C,D
#
# COMPACT_ATOMS: atom_id res chain seq x y z
N LEU A 5 -8.92 3.64 29.20
CA LEU A 5 -7.48 3.68 29.47
C LEU A 5 -6.76 2.52 28.78
N GLU A 6 -7.53 1.56 28.25
CA GLU A 6 -6.98 0.56 27.34
C GLU A 6 -6.99 1.19 25.96
N GLU A 7 -8.00 2.02 25.73
CA GLU A 7 -8.12 2.79 24.50
C GLU A 7 -6.97 3.76 24.37
N ASP A 8 -6.54 4.31 25.49
CA ASP A 8 -5.43 5.23 25.50
C ASP A 8 -4.14 4.49 25.13
N LEU A 9 -4.06 3.22 25.50
CA LEU A 9 -2.89 2.41 25.20
C LEU A 9 -2.95 1.98 23.72
N ILE A 10 -4.16 1.70 23.24
CA ILE A 10 -4.33 1.32 21.84
C ILE A 10 -3.95 2.52 21.00
N GLN A 11 -4.25 3.71 21.50
CA GLN A 11 -3.95 4.94 20.79
C GLN A 11 -2.46 5.27 20.89
N TYR A 12 -1.85 4.85 22.00
CA TYR A 12 -0.41 5.02 22.23
C TYR A 12 0.37 4.15 21.26
N TYR A 13 -0.18 2.96 20.99
CA TYR A 13 0.37 2.02 20.03
C TYR A 13 0.20 2.54 18.60
N GLN A 14 -0.98 3.07 18.30
CA GLN A 14 -1.18 3.71 17.01
C GLN A 14 -0.18 4.81 16.78
N PHE A 15 0.14 5.52 17.85
CA PHE A 15 1.14 6.58 17.83
C PHE A 15 2.52 6.04 17.54
N LEU A 16 2.91 4.98 18.24
CA LEU A 16 4.22 4.37 18.01
C LEU A 16 4.39 3.74 16.63
N ALA A 17 3.31 3.18 16.10
CA ALA A 17 3.34 2.54 14.79
C ALA A 17 3.51 3.59 13.74
N GLU A 18 2.79 4.69 13.95
CA GLU A 18 2.82 5.84 13.06
C GLU A 18 4.21 6.51 12.99
N LYS A 19 5.03 6.28 14.00
CA LYS A 19 6.36 6.88 14.08
C LYS A 19 7.45 5.88 13.74
N GLY A 20 7.04 4.72 13.22
CA GLY A 20 7.97 3.73 12.69
C GLY A 20 8.36 2.56 13.58
N ASP A 21 7.65 2.40 14.71
CA ASP A 21 7.88 1.26 15.58
C ASP A 21 7.39 -0.06 14.94
N VAL A 22 8.32 -0.92 14.58
CA VAL A 22 7.98 -2.11 13.82
C VAL A 22 7.07 -3.03 14.61
N GLN A 23 7.42 -3.27 15.89
CA GLN A 23 6.61 -4.12 16.78
C GLN A 23 5.17 -3.67 16.87
N ALA A 24 4.97 -2.36 16.90
CA ALA A 24 3.62 -1.84 17.09
C ALA A 24 2.80 -2.03 15.83
N GLN A 25 3.42 -1.79 14.68
CA GLN A 25 2.78 -2.01 13.39
C GLN A 25 2.34 -3.47 13.28
N VAL A 26 3.25 -4.39 13.55
CA VAL A 26 2.88 -5.79 13.47
C VAL A 26 1.79 -6.18 14.47
N GLY A 27 1.93 -5.75 15.72
CA GLY A 27 0.94 -6.07 16.75
C GLY A 27 -0.46 -5.61 16.42
N LEU A 28 -0.57 -4.33 16.02
CA LEU A 28 -1.86 -3.77 15.67
C LEU A 28 -2.38 -4.44 14.42
N GLY A 29 -1.50 -4.71 13.46
CA GLY A 29 -1.89 -5.43 12.27
C GLY A 29 -2.59 -6.72 12.66
N GLN A 30 -2.01 -7.42 13.63
CA GLN A 30 -2.57 -8.70 14.05
C GLN A 30 -3.95 -8.51 14.67
N LEU A 31 -4.04 -7.54 15.57
CA LEU A 31 -5.34 -7.21 16.15
C LEU A 31 -6.41 -6.84 15.11
N HIS A 32 -6.03 -6.11 14.06
CA HIS A 32 -6.98 -5.79 13.00
C HIS A 32 -7.28 -7.03 12.15
N LEU A 33 -6.34 -7.97 12.12
CA LEU A 33 -6.51 -9.17 11.33
C LEU A 33 -7.56 -10.09 11.94
N HIS A 34 -7.63 -10.16 13.26
CA HIS A 34 -8.58 -11.08 13.86
C HIS A 34 -9.74 -10.44 14.59
N GLY A 35 -9.56 -9.19 14.99
CA GLY A 35 -10.48 -8.58 15.93
C GLY A 35 -10.03 -8.96 17.31
N GLY A 36 -9.73 -7.97 18.12
CA GLY A 36 -9.06 -8.23 19.36
C GLY A 36 -9.33 -7.25 20.47
N ARG A 37 -8.39 -7.20 21.40
CA ARG A 37 -8.60 -6.63 22.73
C ARG A 37 -9.44 -5.38 22.85
N GLY A 38 -9.17 -4.37 22.04
CA GLY A 38 -10.04 -3.21 22.00
C GLY A 38 -10.28 -2.83 20.55
N VAL A 39 -9.75 -3.65 19.66
CA VAL A 39 -9.60 -3.31 18.25
C VAL A 39 -10.57 -4.06 17.34
N GLU A 40 -11.09 -3.33 16.36
CA GLU A 40 -12.03 -3.82 15.37
C GLU A 40 -11.35 -4.65 14.27
N GLN A 41 -11.97 -5.73 13.80
CA GLN A 41 -11.36 -6.48 12.69
C GLN A 41 -11.42 -5.65 11.42
N ASN A 42 -10.25 -5.39 10.84
CA ASN A 42 -10.07 -4.60 9.61
C ASN A 42 -8.94 -5.17 8.76
N HIS A 43 -9.27 -5.90 7.70
CA HIS A 43 -8.21 -6.46 6.85
C HIS A 43 -7.38 -5.43 6.13
N GLN A 44 -7.97 -4.25 5.89
CA GLN A 44 -7.25 -3.19 5.21
C GLN A 44 -6.12 -2.64 6.08
N ARG A 45 -6.45 -2.22 7.29
CA ARG A 45 -5.44 -1.71 8.20
C ARG A 45 -4.45 -2.81 8.57
N ALA A 46 -4.91 -4.05 8.56
CA ALA A 46 -4.02 -5.17 8.80
C ALA A 46 -2.97 -5.24 7.73
N PHE A 47 -3.43 -5.20 6.49
CA PHE A 47 -2.54 -5.31 5.35
C PHE A 47 -1.57 -4.10 5.31
N ASP A 48 -2.06 -2.91 5.65
CA ASP A 48 -1.19 -1.72 5.62
C ASP A 48 -0.11 -1.80 6.66
N TYR A 49 -0.48 -2.20 7.88
CA TYR A 49 0.52 -2.37 8.92
C TYR A 49 1.53 -3.45 8.55
N PHE A 50 1.05 -4.58 8.01
CA PHE A 50 1.95 -5.66 7.62
C PHE A 50 2.92 -5.22 6.52
N ASN A 51 2.43 -4.43 5.56
CA ASN A 51 3.32 -3.93 4.52
C ASN A 51 4.36 -2.97 5.05
N LEU A 52 3.90 -2.07 5.92
CA LEU A 52 4.78 -1.12 6.62
C LEU A 52 5.91 -1.85 7.30
N ALA A 53 5.55 -2.84 8.12
CA ALA A 53 6.55 -3.55 8.87
C ALA A 53 7.44 -4.47 8.00
N ALA A 54 6.86 -5.07 6.96
CA ALA A 54 7.63 -5.96 6.07
C ALA A 54 8.72 -5.17 5.34
N ASN A 55 8.36 -3.97 4.87
CA ASN A 55 9.36 -3.09 4.28
C ASN A 55 10.50 -2.74 5.22
N ALA A 56 10.21 -2.73 6.52
CA ALA A 56 11.22 -2.46 7.54
C ALA A 56 12.07 -3.68 7.92
N GLY A 57 11.76 -4.85 7.38
CA GLY A 57 12.60 -6.03 7.63
C GLY A 57 12.10 -7.06 8.66
N ASN A 58 10.84 -6.93 9.06
CA ASN A 58 10.22 -7.81 10.05
C ASN A 58 9.66 -9.14 9.51
N SER A 59 10.20 -10.26 9.99
CA SER A 59 9.83 -11.56 9.47
C SER A 59 8.37 -11.92 9.75
N HIS A 60 7.86 -11.47 10.90
CA HIS A 60 6.46 -11.71 11.24
C HIS A 60 5.53 -10.99 10.27
N ALA A 61 5.85 -9.76 9.91
CA ALA A 61 5.04 -9.02 8.93
C ALA A 61 4.97 -9.77 7.58
N MET A 62 6.14 -10.19 7.12
CA MET A 62 6.26 -11.01 5.91
C MET A 62 5.40 -12.26 5.97
N ALA A 63 5.50 -13.00 7.07
CA ALA A 63 4.75 -14.23 7.23
C ALA A 63 3.25 -14.00 7.22
N PHE A 64 2.80 -12.98 7.92
CA PHE A 64 1.38 -12.60 7.90
C PHE A 64 0.90 -12.26 6.47
N LEU A 65 1.74 -11.56 5.71
CA LEU A 65 1.37 -11.24 4.34
C LEU A 65 1.26 -12.53 3.55
N GLY A 66 2.30 -13.36 3.64
CA GLY A 66 2.26 -14.67 3.04
C GLY A 66 0.95 -15.40 3.34
N LYS A 67 0.48 -15.28 4.57
CA LYS A 67 -0.75 -15.95 4.94
C LYS A 67 -1.94 -15.34 4.22
N MET A 68 -2.11 -14.02 4.26
CA MET A 68 -3.31 -13.47 3.64
C MET A 68 -3.25 -13.54 2.10
N TYR A 69 -2.07 -13.81 1.55
CA TYR A 69 -1.93 -14.04 0.10
C TYR A 69 -2.13 -15.51 -0.33
N SER A 70 -1.78 -16.47 0.52
CA SER A 70 -2.03 -17.86 0.17
C SER A 70 -3.51 -18.09 0.30
N GLU A 71 -4.04 -17.49 1.35
CA GLU A 71 -5.46 -17.48 1.63
C GLU A 71 -6.06 -16.13 1.19
N GLY A 72 -6.46 -16.01 -0.08
CA GLY A 72 -7.01 -14.75 -0.56
C GLY A 72 -8.23 -14.24 0.19
N SER A 73 -8.44 -12.93 0.14
CA SER A 73 -9.67 -12.30 0.65
C SER A 73 -10.07 -11.22 -0.35
N ASP A 74 -11.11 -10.44 -0.05
CA ASP A 74 -11.48 -9.33 -0.93
C ASP A 74 -10.44 -8.20 -0.93
N ILE A 75 -9.82 -7.98 0.22
CA ILE A 75 -8.78 -6.97 0.33
C ILE A 75 -7.54 -7.46 -0.38
N VAL A 76 -7.16 -8.68 -0.07
CA VAL A 76 -5.96 -9.26 -0.68
C VAL A 76 -6.36 -10.35 -1.68
N PRO A 77 -6.21 -10.04 -2.97
CA PRO A 77 -6.62 -11.03 -3.95
C PRO A 77 -5.61 -12.17 -3.98
N GLN A 78 -6.12 -13.41 -3.97
CA GLN A 78 -5.30 -14.58 -3.79
C GLN A 78 -4.23 -14.72 -4.86
N SER A 79 -3.02 -15.00 -4.41
CA SER A 79 -1.88 -15.26 -5.26
C SER A 79 -0.89 -16.10 -4.50
N ASN A 80 -0.86 -17.40 -4.76
CA ASN A 80 0.01 -18.20 -3.93
C ASN A 80 1.46 -18.03 -4.38
N GLU A 81 1.69 -17.24 -5.43
CA GLU A 81 3.07 -17.11 -5.86
C GLU A 81 3.75 -16.00 -5.08
N THR A 82 2.99 -14.97 -4.70
CA THR A 82 3.56 -13.92 -3.84
C THR A 82 3.40 -14.37 -2.40
N ALA A 83 2.34 -15.14 -2.11
CA ALA A 83 2.27 -15.84 -0.84
C ALA A 83 3.56 -16.59 -0.66
N LEU A 84 4.02 -17.26 -1.72
CA LEU A 84 5.32 -17.91 -1.69
C LEU A 84 6.46 -16.94 -1.52
N HIS A 85 6.38 -15.79 -2.21
CA HIS A 85 7.42 -14.77 -2.09
C HIS A 85 7.70 -14.39 -0.63
N TYR A 86 6.61 -14.14 0.09
CA TYR A 86 6.69 -13.73 1.48
C TYR A 86 7.03 -14.88 2.41
N PHE A 87 6.41 -16.05 2.22
CA PHE A 87 6.77 -17.18 3.06
C PHE A 87 8.25 -17.43 2.91
N LYS A 88 8.80 -17.14 1.75
CA LYS A 88 10.20 -17.43 1.54
C LYS A 88 11.06 -16.35 2.17
N LYS A 89 10.60 -15.10 2.13
CA LYS A 89 11.34 -14.04 2.82
C LYS A 89 11.38 -14.31 4.34
N ALA A 90 10.23 -14.63 4.93
CA ALA A 90 10.14 -14.99 6.35
C ALA A 90 11.01 -16.19 6.70
N ALA A 91 10.89 -17.27 5.92
CA ALA A 91 11.62 -18.49 6.21
C ALA A 91 13.11 -18.27 6.12
N ASP A 92 13.53 -17.39 5.23
CA ASP A 92 14.95 -17.09 5.10
C ASP A 92 15.50 -16.55 6.45
N MET A 93 14.62 -16.02 7.29
CA MET A 93 15.02 -15.30 8.51
C MET A 93 14.73 -16.09 9.78
N GLY A 94 14.29 -17.33 9.61
CA GLY A 94 14.04 -18.23 10.72
C GLY A 94 12.61 -18.19 11.23
N ASN A 95 11.74 -17.40 10.61
CA ASN A 95 10.39 -17.30 11.12
C ASN A 95 9.64 -18.61 10.89
N PRO A 96 9.11 -19.21 11.96
CA PRO A 96 8.43 -20.52 11.91
C PRO A 96 7.18 -20.52 11.06
N VAL A 97 6.52 -19.37 10.97
CA VAL A 97 5.28 -19.30 10.21
C VAL A 97 5.59 -19.42 8.73
N GLY A 98 6.67 -18.75 8.32
CA GLY A 98 7.15 -18.85 6.96
C GLY A 98 7.63 -20.25 6.64
N GLN A 99 8.45 -20.78 7.54
CA GLN A 99 8.96 -22.12 7.36
C GLN A 99 7.81 -23.09 7.14
N SER A 100 6.79 -22.95 7.98
CA SER A 100 5.59 -23.77 7.87
C SER A 100 4.90 -23.53 6.52
N GLY A 101 4.86 -22.27 6.07
CA GLY A 101 4.29 -21.91 4.77
C GLY A 101 4.94 -22.66 3.62
N LEU A 102 6.27 -22.63 3.56
CA LEU A 102 6.99 -23.45 2.58
C LEU A 102 6.68 -24.92 2.76
N GLY A 103 6.57 -25.37 4.00
CA GLY A 103 6.24 -26.75 4.27
C GLY A 103 4.94 -27.17 3.62
N MET A 104 3.89 -26.36 3.76
CA MET A 104 2.59 -26.68 3.17
C MET A 104 2.74 -26.67 1.65
N ALA A 105 3.47 -25.66 1.17
CA ALA A 105 3.64 -25.49 -0.26
C ALA A 105 4.21 -26.73 -0.91
N TYR A 106 5.23 -27.32 -0.29
CA TYR A 106 5.89 -28.49 -0.79
C TYR A 106 5.12 -29.77 -0.52
N LEU A 107 4.33 -29.77 0.56
CA LEU A 107 3.57 -30.96 0.89
C LEU A 107 2.52 -31.16 -0.18
N TYR A 108 1.86 -30.07 -0.57
CA TYR A 108 0.74 -30.16 -1.51
C TYR A 108 0.99 -29.53 -2.91
N GLY A 109 2.23 -29.22 -3.24
CA GLY A 109 2.54 -28.66 -4.53
C GLY A 109 1.80 -27.38 -4.90
N ARG A 110 1.74 -26.46 -3.95
CA ARG A 110 1.05 -25.18 -4.14
C ARG A 110 1.99 -24.12 -4.66
N GLY A 111 2.00 -23.95 -5.98
CA GLY A 111 2.83 -22.93 -6.57
C GLY A 111 4.25 -23.42 -6.66
N VAL A 112 4.46 -24.67 -6.29
CA VAL A 112 5.77 -25.25 -6.39
C VAL A 112 5.58 -26.71 -6.67
N GLN A 113 6.60 -27.36 -7.21
CA GLN A 113 6.53 -28.81 -7.38
C GLN A 113 6.61 -29.56 -6.04
N VAL A 114 5.76 -30.57 -5.87
CA VAL A 114 5.76 -31.44 -4.70
C VAL A 114 7.13 -32.03 -4.37
N ASN A 115 7.52 -31.87 -3.09
CA ASN A 115 8.79 -32.38 -2.57
C ASN A 115 8.71 -32.64 -1.08
N TYR A 116 8.54 -33.91 -0.72
CA TYR A 116 8.34 -34.33 0.66
C TYR A 116 9.61 -34.11 1.48
N ASP A 117 10.77 -34.16 0.83
CA ASP A 117 12.02 -33.90 1.53
C ASP A 117 12.04 -32.46 2.10
N LEU A 118 11.74 -31.49 1.23
CA LEU A 118 11.61 -30.11 1.64
C LEU A 118 10.51 -29.86 2.66
N ALA A 119 9.33 -30.42 2.44
CA ALA A 119 8.22 -30.23 3.36
C ALA A 119 8.64 -30.72 4.74
N LEU A 120 9.25 -31.90 4.75
CA LEU A 120 9.67 -32.49 5.99
C LEU A 120 10.72 -31.65 6.70
N LYS A 121 11.66 -31.08 5.95
CA LYS A 121 12.74 -30.33 6.60
C LYS A 121 12.28 -28.92 7.11
N TYR A 122 11.35 -28.32 6.37
CA TYR A 122 10.79 -27.04 6.77
C TYR A 122 9.90 -27.21 8.01
N PHE A 123 9.08 -28.26 8.02
CA PHE A 123 8.26 -28.54 9.19
C PHE A 123 9.17 -28.84 10.40
N GLN A 124 10.34 -29.46 10.17
CA GLN A 124 11.26 -29.73 11.29
C GLN A 124 11.75 -28.39 11.87
N LYS A 125 12.14 -27.48 10.98
CA LYS A 125 12.66 -26.20 11.43
C LYS A 125 11.63 -25.43 12.25
N ALA A 126 10.39 -25.41 11.78
CA ALA A 126 9.36 -24.71 12.53
C ALA A 126 9.04 -25.42 13.84
N ALA A 127 8.98 -26.76 13.82
CA ALA A 127 8.60 -27.54 15.00
C ALA A 127 9.60 -27.34 16.13
N GLU A 128 10.88 -27.24 15.75
CA GLU A 128 11.94 -27.00 16.73
C GLU A 128 11.69 -25.73 17.56
N GLN A 129 11.00 -24.77 16.97
CA GLN A 129 10.75 -23.48 17.60
C GLN A 129 9.46 -23.43 18.38
N GLY A 130 8.85 -24.59 18.63
CA GLY A 130 7.62 -24.66 19.40
C GLY A 130 6.33 -24.33 18.67
N TRP A 131 6.41 -24.30 17.34
CA TRP A 131 5.30 -23.92 16.51
C TRP A 131 4.37 -25.09 16.34
N VAL A 132 3.20 -25.01 16.96
CA VAL A 132 2.33 -26.16 17.05
C VAL A 132 1.94 -26.73 15.68
N ASP A 133 1.63 -25.85 14.73
CA ASP A 133 1.25 -26.32 13.40
C ASP A 133 2.32 -27.14 12.68
N GLY A 134 3.57 -26.67 12.71
CA GLY A 134 4.67 -27.39 12.12
C GLY A 134 4.84 -28.76 12.76
N GLN A 135 4.63 -28.81 14.06
CA GLN A 135 4.69 -30.08 14.78
C GLN A 135 3.59 -31.04 14.31
N LEU A 136 2.40 -30.49 14.07
CA LEU A 136 1.31 -31.28 13.54
C LEU A 136 1.61 -31.81 12.14
N GLN A 137 2.03 -30.94 11.24
CA GLN A 137 2.43 -31.41 9.92
C GLN A 137 3.50 -32.50 9.97
N LEU A 138 4.54 -32.27 10.77
CA LEU A 138 5.64 -33.21 10.87
C LEU A 138 5.15 -34.58 11.40
N GLY A 139 4.30 -34.50 12.42
CA GLY A 139 3.67 -35.66 13.00
C GLY A 139 2.86 -36.43 11.99
N SER A 140 2.12 -35.72 11.17
CA SER A 140 1.30 -36.33 10.13
C SER A 140 2.19 -37.09 9.15
N MET A 141 3.25 -36.43 8.67
CA MET A 141 4.17 -37.09 7.75
C MET A 141 4.82 -38.36 8.35
N TYR A 142 5.22 -38.31 9.61
CA TYR A 142 5.82 -39.51 10.16
C TYR A 142 4.75 -40.59 10.39
N TYR A 143 3.57 -40.18 10.83
CA TYR A 143 2.48 -41.11 11.16
C TYR A 143 1.95 -41.82 9.91
N ASN A 144 1.77 -41.09 8.82
CA ASN A 144 1.24 -41.68 7.61
C ASN A 144 2.34 -41.99 6.58
N GLY A 145 3.59 -41.92 7.01
CA GLY A 145 4.73 -42.28 6.16
C GLY A 145 4.82 -41.56 4.84
N ILE A 146 4.55 -40.27 4.88
CA ILE A 146 4.49 -39.46 3.67
C ILE A 146 5.89 -39.14 3.13
N GLY A 147 6.71 -38.40 3.85
CA GLY A 147 8.04 -38.15 3.32
C GLY A 147 9.03 -39.29 3.44
N VAL A 148 8.79 -40.16 4.41
CA VAL A 148 9.77 -41.13 4.86
C VAL A 148 8.98 -42.34 5.34
N LYS A 149 9.64 -43.37 5.88
CA LYS A 149 8.89 -44.53 6.35
C LYS A 149 8.25 -44.22 7.69
N ARG A 150 7.04 -44.75 7.89
CA ARG A 150 6.25 -44.46 9.08
C ARG A 150 7.08 -44.72 10.32
N ASP A 151 7.10 -43.70 11.18
CA ASP A 151 7.83 -43.72 12.42
C ASP A 151 6.85 -43.31 13.49
N TYR A 152 6.24 -44.31 14.09
CA TYR A 152 5.14 -44.11 14.99
C TYR A 152 5.58 -43.30 16.21
N LYS A 153 6.85 -43.45 16.58
CA LYS A 153 7.32 -42.84 17.80
C LYS A 153 7.60 -41.39 17.55
N GLN A 154 8.15 -41.06 16.39
CA GLN A 154 8.33 -39.67 15.95
C GLN A 154 7.01 -38.95 15.88
N ALA A 155 6.08 -39.62 15.22
CA ALA A 155 4.73 -39.13 15.08
C ALA A 155 4.24 -38.77 16.45
N LEU A 156 4.39 -39.72 17.35
CA LEU A 156 3.94 -39.57 18.72
C LEU A 156 4.58 -38.39 19.48
N LYS A 157 5.87 -38.19 19.28
CA LYS A 157 6.63 -37.10 19.91
C LYS A 157 6.06 -35.74 19.52
N TYR A 158 5.81 -35.58 18.22
CA TYR A 158 5.35 -34.30 17.73
C TYR A 158 3.89 -34.09 18.06
N PHE A 159 3.11 -35.16 18.03
CA PHE A 159 1.73 -35.00 18.45
C PHE A 159 1.67 -34.62 19.91
N ASN A 160 2.61 -35.14 20.70
CA ASN A 160 2.60 -34.84 22.10
C ASN A 160 2.96 -33.38 22.37
N LEU A 161 4.03 -32.94 21.71
CA LEU A 161 4.42 -31.54 21.72
C LEU A 161 3.25 -30.63 21.35
N ALA A 162 2.61 -30.92 20.23
CA ALA A 162 1.48 -30.13 19.77
C ALA A 162 0.39 -30.10 20.83
N SER A 163 0.15 -31.24 21.47
CA SER A 163 -0.94 -31.32 22.41
C SER A 163 -0.66 -30.52 23.66
N GLN A 164 0.63 -30.30 23.91
CA GLN A 164 1.07 -29.52 25.08
C GLN A 164 1.08 -28.01 24.82
N GLY A 165 0.68 -27.65 23.59
CA GLY A 165 0.70 -26.27 23.12
C GLY A 165 2.04 -25.89 22.53
N GLY A 166 2.84 -26.87 22.15
CA GLY A 166 4.10 -26.66 21.44
C GLY A 166 5.34 -26.88 22.28
N HIS A 167 5.14 -26.86 23.58
CA HIS A 167 6.22 -27.00 24.56
C HIS A 167 5.56 -27.43 25.88
N ILE A 168 6.26 -28.20 26.69
CA ILE A 168 5.67 -28.63 27.95
C ILE A 168 5.31 -27.42 28.85
N LEU A 169 6.00 -26.30 28.74
CA LEU A 169 5.72 -25.13 29.58
C LEU A 169 4.62 -24.22 29.01
N ALA A 170 4.17 -24.51 27.79
CA ALA A 170 3.26 -23.63 27.06
C ALA A 170 1.93 -23.40 27.76
N PHE A 171 1.40 -24.44 28.38
CA PHE A 171 0.14 -24.33 29.09
C PHE A 171 0.18 -23.19 30.10
N TYR A 172 1.31 -23.03 30.78
CA TYR A 172 1.41 -22.03 31.82
C TYR A 172 1.42 -20.62 31.23
N ASN A 173 1.99 -20.47 30.05
CA ASN A 173 1.94 -19.19 29.38
C ASN A 173 0.57 -18.84 28.84
N LEU A 174 0.01 -19.80 28.12
CA LEU A 174 -1.24 -19.65 27.37
C LEU A 174 -2.44 -19.51 28.31
N ALA A 175 -2.25 -19.90 29.56
CA ALA A 175 -3.27 -19.75 30.60
C ALA A 175 -3.47 -18.29 31.02
N GLN A 176 -2.47 -17.46 30.70
CA GLN A 176 -2.44 -16.04 31.13
C GLN A 176 -2.59 -15.06 29.96
N MET A 177 -2.73 -15.61 28.77
CA MET A 177 -2.96 -14.80 27.59
C MET A 177 -4.29 -14.08 27.69
N GLU B 6 -7.42 -44.25 22.41
CA GLU B 6 -7.08 -43.09 23.25
C GLU B 6 -6.61 -43.47 24.66
N GLU B 7 -7.23 -44.49 25.24
CA GLU B 7 -6.82 -45.03 26.56
C GLU B 7 -5.45 -45.73 26.43
N ASP B 8 -5.28 -46.37 25.27
CA ASP B 8 -4.07 -47.11 24.88
C ASP B 8 -2.86 -46.20 24.75
N LEU B 9 -3.10 -44.95 24.39
CA LEU B 9 -2.03 -44.01 24.21
C LEU B 9 -1.47 -43.61 25.57
N ILE B 10 -2.37 -43.45 26.54
CA ILE B 10 -1.99 -43.12 27.90
C ILE B 10 -1.23 -44.27 28.56
N GLN B 11 -1.67 -45.49 28.28
CA GLN B 11 -1.01 -46.64 28.88
C GLN B 11 0.33 -46.93 28.22
N TYR B 12 0.42 -46.56 26.95
CA TYR B 12 1.64 -46.69 26.20
C TYR B 12 2.66 -45.73 26.74
N TYR B 13 2.17 -44.55 27.13
CA TYR B 13 3.05 -43.53 27.71
C TYR B 13 3.54 -43.94 29.07
N GLN B 14 2.64 -44.44 29.91
CA GLN B 14 3.09 -44.97 31.19
C GLN B 14 4.10 -46.11 30.99
N PHE B 15 3.93 -46.87 29.91
CA PHE B 15 4.88 -47.92 29.58
C PHE B 15 6.25 -47.34 29.21
N LEU B 16 6.27 -46.36 28.30
CA LEU B 16 7.54 -45.76 27.89
C LEU B 16 8.22 -45.05 29.05
N ALA B 17 7.43 -44.49 29.95
CA ALA B 17 7.99 -43.82 31.10
C ALA B 17 8.63 -44.84 32.00
N GLU B 18 7.98 -46.00 32.16
CA GLU B 18 8.53 -47.04 33.00
C GLU B 18 9.87 -47.54 32.48
N LYS B 19 10.11 -47.34 31.19
CA LYS B 19 11.28 -47.87 30.50
C LYS B 19 12.32 -46.79 30.30
N GLY B 20 12.08 -45.66 30.95
CA GLY B 20 13.05 -44.58 30.99
C GLY B 20 12.84 -43.46 30.00
N ASP B 21 11.69 -43.40 29.33
CA ASP B 21 11.49 -42.30 28.39
C ASP B 21 11.29 -41.02 29.22
N VAL B 22 12.30 -40.16 29.24
CA VAL B 22 12.31 -38.99 30.12
C VAL B 22 11.19 -38.04 29.76
N GLN B 23 11.03 -37.81 28.47
CA GLN B 23 9.96 -36.97 27.97
C GLN B 23 8.59 -37.47 28.46
N ALA B 24 8.45 -38.78 28.52
CA ALA B 24 7.19 -39.39 28.93
C ALA B 24 6.98 -39.23 30.42
N GLN B 25 8.06 -39.37 31.18
CA GLN B 25 8.01 -39.15 32.59
C GLN B 25 7.57 -37.73 32.88
N VAL B 26 8.22 -36.75 32.27
CA VAL B 26 7.85 -35.37 32.58
C VAL B 26 6.44 -35.10 32.12
N GLY B 27 6.10 -35.51 30.91
CA GLY B 27 4.78 -35.26 30.41
C GLY B 27 3.71 -35.82 31.32
N LEU B 28 3.89 -37.07 31.75
CA LEU B 28 2.93 -37.72 32.60
C LEU B 28 2.93 -37.08 33.97
N GLY B 29 4.10 -36.74 34.47
CA GLY B 29 4.20 -36.07 35.74
C GLY B 29 3.29 -34.86 35.75
N GLN B 30 3.39 -34.05 34.69
CA GLN B 30 2.60 -32.83 34.59
C GLN B 30 1.09 -33.16 34.50
N LEU B 31 0.71 -34.07 33.61
CA LEU B 31 -0.69 -34.50 33.57
C LEU B 31 -1.26 -35.00 34.92
N HIS B 32 -0.48 -35.74 35.71
CA HIS B 32 -0.97 -36.15 37.03
C HIS B 32 -0.99 -34.95 37.95
N LEU B 33 -0.14 -33.96 37.69
CA LEU B 33 -0.10 -32.75 38.50
C LEU B 33 -1.38 -31.93 38.30
N HIS B 34 -1.98 -31.97 37.11
CA HIS B 34 -3.21 -31.20 36.89
C HIS B 34 -4.44 -32.05 36.61
N GLY B 35 -4.27 -33.30 36.21
CA GLY B 35 -5.40 -34.01 35.67
C GLY B 35 -5.46 -33.68 34.19
N GLY B 36 -5.53 -34.69 33.32
CA GLY B 36 -5.30 -34.41 31.93
C GLY B 36 -6.04 -35.21 30.88
N ARG B 37 -5.43 -35.26 29.70
CA ARG B 37 -6.07 -35.67 28.45
C ARG B 37 -7.05 -36.81 28.69
N GLY B 38 -6.53 -37.86 29.33
CA GLY B 38 -7.32 -38.99 29.77
C GLY B 38 -6.92 -39.35 31.19
N VAL B 39 -6.09 -38.50 31.78
CA VAL B 39 -5.36 -38.87 32.97
C VAL B 39 -5.96 -38.29 34.23
N GLU B 40 -6.15 -39.15 35.21
CA GLU B 40 -6.71 -38.76 36.48
C GLU B 40 -5.58 -38.16 37.33
N GLN B 41 -5.93 -37.09 38.06
CA GLN B 41 -4.98 -36.34 38.87
C GLN B 41 -4.43 -37.08 40.09
N ASN B 42 -3.11 -37.17 40.16
CA ASN B 42 -2.41 -37.76 41.31
C ASN B 42 -1.08 -37.05 41.65
N HIS B 43 -1.04 -36.27 42.72
CA HIS B 43 0.20 -35.57 43.11
C HIS B 43 1.32 -36.58 43.42
N GLN B 44 0.93 -37.78 43.82
CA GLN B 44 1.91 -38.78 44.15
C GLN B 44 2.67 -39.16 42.91
N ARG B 45 1.91 -39.61 41.93
CA ARG B 45 2.44 -40.02 40.67
C ARG B 45 3.23 -38.86 40.02
N ALA B 46 2.76 -37.63 40.22
CA ALA B 46 3.46 -36.46 39.70
C ALA B 46 4.84 -36.31 40.30
N PHE B 47 4.92 -36.33 41.63
CA PHE B 47 6.19 -36.18 42.33
C PHE B 47 7.16 -37.31 41.98
N ASP B 48 6.62 -38.52 41.83
CA ASP B 48 7.44 -39.68 41.50
C ASP B 48 8.01 -39.59 40.08
N TYR B 49 7.16 -39.22 39.13
CA TYR B 49 7.61 -39.07 37.76
C TYR B 49 8.65 -37.98 37.70
N PHE B 50 8.37 -36.87 38.37
CA PHE B 50 9.29 -35.76 38.33
C PHE B 50 10.62 -36.13 38.92
N ASN B 51 10.65 -36.93 39.99
CA ASN B 51 11.93 -37.38 40.54
C ASN B 51 12.65 -38.29 39.57
N LEU B 52 11.90 -39.16 38.89
CA LEU B 52 12.51 -39.99 37.85
C LEU B 52 13.21 -39.15 36.78
N ALA B 53 12.49 -38.20 36.19
CA ALA B 53 13.07 -37.45 35.09
C ALA B 53 14.18 -36.53 35.59
N ALA B 54 14.01 -36.01 36.81
CA ALA B 54 14.99 -35.10 37.36
C ALA B 54 16.28 -35.86 37.62
N ASN B 55 16.19 -37.04 38.22
CA ASN B 55 17.38 -37.87 38.41
C ASN B 55 18.03 -38.22 37.08
N ALA B 56 17.24 -38.24 36.00
CA ALA B 56 17.84 -38.47 34.70
C ALA B 56 18.44 -37.16 34.16
N GLY B 57 18.22 -36.04 34.85
CA GLY B 57 18.83 -34.78 34.44
C GLY B 57 17.96 -33.77 33.69
N ASN B 58 16.65 -34.01 33.70
CA ASN B 58 15.70 -33.16 32.99
C ASN B 58 15.42 -31.86 33.77
N SER B 59 15.71 -30.72 33.15
CA SER B 59 15.61 -29.45 33.83
C SER B 59 14.17 -29.11 34.16
N HIS B 60 13.25 -29.48 33.29
CA HIS B 60 11.84 -29.20 33.55
C HIS B 60 11.37 -29.94 34.80
N ALA B 61 11.79 -31.20 34.94
CA ALA B 61 11.46 -32.01 36.12
C ALA B 61 11.96 -31.36 37.40
N MET B 62 13.21 -30.93 37.39
CA MET B 62 13.81 -30.24 38.51
C MET B 62 12.98 -29.01 38.89
N ALA B 63 12.63 -28.20 37.91
CA ALA B 63 11.85 -27.01 38.18
C ALA B 63 10.46 -27.36 38.76
N PHE B 64 9.79 -28.35 38.20
CA PHE B 64 8.52 -28.82 38.76
C PHE B 64 8.67 -29.25 40.24
N LEU B 65 9.77 -29.93 40.56
CA LEU B 65 10.01 -30.32 41.95
C LEU B 65 10.18 -29.07 42.81
N GLY B 66 11.08 -28.16 42.39
CA GLY B 66 11.27 -26.88 43.04
C GLY B 66 9.93 -26.22 43.34
N LYS B 67 9.00 -26.30 42.40
CA LYS B 67 7.69 -25.71 42.61
C LYS B 67 6.95 -26.45 43.70
N MET B 68 6.96 -27.77 43.64
CA MET B 68 6.20 -28.56 44.59
C MET B 68 6.74 -28.41 46.01
N TYR B 69 8.01 -28.03 46.14
CA TYR B 69 8.62 -27.84 47.45
C TYR B 69 8.42 -26.44 47.94
N SER B 70 8.31 -25.50 47.00
CA SER B 70 8.03 -24.12 47.34
C SER B 70 6.59 -23.98 47.81
N GLU B 71 5.70 -24.75 47.22
CA GLU B 71 4.30 -24.73 47.63
C GLU B 71 3.72 -26.02 48.22
N GLY B 72 4.47 -26.67 49.11
CA GLY B 72 4.10 -27.92 49.74
C GLY B 72 2.76 -28.49 50.20
N SER B 73 2.45 -29.68 49.73
CA SER B 73 1.35 -30.45 50.28
C SER B 73 1.64 -31.56 51.29
N ASP B 74 0.63 -32.34 51.63
CA ASP B 74 0.85 -33.46 52.53
C ASP B 74 1.75 -34.46 51.84
N ILE B 75 1.72 -34.54 50.51
CA ILE B 75 2.66 -35.45 49.92
C ILE B 75 4.06 -34.79 49.88
N VAL B 76 4.16 -33.57 49.40
CA VAL B 76 5.47 -32.92 49.38
C VAL B 76 5.45 -31.85 50.44
N PRO B 77 6.11 -32.10 51.56
CA PRO B 77 5.99 -31.08 52.59
C PRO B 77 6.82 -29.89 52.19
N GLN B 78 6.27 -28.70 52.42
CA GLN B 78 6.84 -27.43 51.99
C GLN B 78 8.23 -27.25 52.56
N SER B 79 9.16 -26.78 51.72
CA SER B 79 10.55 -26.48 52.12
C SER B 79 11.24 -25.51 51.16
N ASN B 80 11.52 -24.28 51.58
CA ASN B 80 12.13 -23.35 50.61
C ASN B 80 13.59 -23.66 50.37
N GLU B 81 14.12 -24.61 51.11
CA GLU B 81 15.52 -24.86 50.97
C GLU B 81 15.80 -25.85 49.83
N THR B 82 14.91 -26.83 49.67
CA THR B 82 15.09 -27.77 48.57
C THR B 82 14.45 -27.23 47.29
N ALA B 83 13.37 -26.44 47.42
CA ALA B 83 12.88 -25.66 46.29
C ALA B 83 14.02 -24.83 45.73
N LEU B 84 14.82 -24.19 46.60
CA LEU B 84 15.98 -23.48 46.08
C LEU B 84 16.96 -24.39 45.41
N HIS B 85 17.22 -25.56 46.01
CA HIS B 85 18.14 -26.54 45.44
C HIS B 85 17.78 -26.86 43.97
N TYR B 86 16.50 -27.10 43.74
CA TYR B 86 15.99 -27.46 42.44
C TYR B 86 15.93 -26.32 41.44
N PHE B 87 15.45 -25.15 41.86
CA PHE B 87 15.46 -23.95 41.01
C PHE B 87 16.89 -23.63 40.58
N LYS B 88 17.87 -23.95 41.43
CA LYS B 88 19.24 -23.59 41.07
C LYS B 88 19.78 -24.61 40.08
N LYS B 89 19.44 -25.88 40.26
CA LYS B 89 19.84 -26.91 39.28
C LYS B 89 19.20 -26.64 37.91
N ALA B 90 17.90 -26.35 37.93
CA ALA B 90 17.15 -26.01 36.74
C ALA B 90 17.70 -24.80 36.02
N ALA B 91 17.91 -23.73 36.77
CA ALA B 91 18.34 -22.45 36.24
C ALA B 91 19.73 -22.51 35.63
N ASP B 92 20.60 -23.35 36.17
CA ASP B 92 21.94 -23.49 35.60
C ASP B 92 21.91 -24.01 34.15
N MET B 93 20.77 -24.51 33.70
CA MET B 93 20.77 -25.23 32.44
C MET B 93 20.15 -24.73 31.11
N GLY B 94 19.56 -23.55 30.93
CA GLY B 94 18.97 -22.65 31.89
C GLY B 94 17.46 -22.61 31.62
N ASN B 95 16.76 -23.29 32.49
CA ASN B 95 15.32 -23.41 32.43
C ASN B 95 14.64 -22.15 32.96
N PRO B 96 13.74 -21.55 32.16
CA PRO B 96 13.12 -20.29 32.57
C PRO B 96 12.35 -20.41 33.88
N VAL B 97 11.83 -21.58 34.18
CA VAL B 97 11.13 -21.71 35.44
C VAL B 97 12.13 -21.63 36.58
N GLY B 98 13.28 -22.27 36.40
CA GLY B 98 14.36 -22.17 37.37
C GLY B 98 14.84 -20.73 37.55
N GLN B 99 15.08 -20.05 36.44
CA GLN B 99 15.47 -18.66 36.41
C GLN B 99 14.46 -17.78 37.16
N SER B 100 13.17 -18.02 36.95
CA SER B 100 12.15 -17.28 37.67
C SER B 100 12.21 -17.53 39.17
N GLY B 101 12.37 -18.81 39.55
CA GLY B 101 12.47 -19.21 40.94
C GLY B 101 13.61 -18.50 41.66
N LEU B 102 14.81 -18.59 41.11
CA LEU B 102 15.94 -17.87 41.68
C LEU B 102 15.65 -16.39 41.71
N GLY B 103 14.97 -15.91 40.68
CA GLY B 103 14.59 -14.50 40.61
C GLY B 103 13.76 -14.07 41.81
N MET B 104 12.74 -14.85 42.15
CA MET B 104 11.88 -14.52 43.27
C MET B 104 12.70 -14.60 44.56
N ALA B 105 13.52 -15.63 44.68
CA ALA B 105 14.36 -15.81 45.85
C ALA B 105 15.29 -14.60 46.10
N TYR B 106 15.86 -14.03 45.04
CA TYR B 106 16.72 -12.85 45.20
C TYR B 106 15.90 -11.55 45.36
N LEU B 107 14.70 -11.53 44.81
CA LEU B 107 13.84 -10.36 44.95
C LEU B 107 13.37 -10.19 46.39
N TYR B 108 12.97 -11.29 47.02
CA TYR B 108 12.36 -11.24 48.35
C TYR B 108 13.23 -11.86 49.46
N GLY B 109 14.49 -12.13 49.15
CA GLY B 109 15.37 -12.79 50.12
C GLY B 109 14.89 -14.16 50.60
N ARG B 110 14.45 -15.01 49.69
CA ARG B 110 13.96 -16.33 50.11
C ARG B 110 15.05 -17.37 50.08
N GLY B 111 15.72 -17.53 51.21
CA GLY B 111 16.81 -18.48 51.32
C GLY B 111 18.11 -17.91 50.83
N VAL B 112 18.11 -16.64 50.47
CA VAL B 112 19.33 -15.99 50.03
C VAL B 112 19.25 -14.54 50.44
N GLN B 113 20.39 -13.86 50.49
CA GLN B 113 20.36 -12.43 50.69
C GLN B 113 19.78 -11.70 49.48
N VAL B 114 18.89 -10.77 49.79
CA VAL B 114 18.25 -9.93 48.80
C VAL B 114 19.29 -9.30 47.89
N ASN B 115 19.09 -9.47 46.57
CA ASN B 115 20.05 -8.96 45.59
C ASN B 115 19.35 -8.60 44.28
N TYR B 116 19.08 -7.32 44.11
CA TYR B 116 18.26 -6.81 43.01
C TYR B 116 18.84 -6.95 41.59
N ASP B 117 20.16 -6.85 41.47
CA ASP B 117 20.81 -7.09 40.19
C ASP B 117 20.63 -8.53 39.71
N LEU B 118 20.91 -9.49 40.59
CA LEU B 118 20.74 -10.91 40.28
C LEU B 118 19.30 -11.21 39.89
N ALA B 119 18.35 -10.68 40.65
CA ALA B 119 16.94 -10.87 40.37
C ALA B 119 16.63 -10.37 38.98
N LEU B 120 17.16 -9.19 38.70
CA LEU B 120 16.89 -8.53 37.43
C LEU B 120 17.39 -9.34 36.25
N LYS B 121 18.57 -9.93 36.42
CA LYS B 121 19.18 -10.66 35.33
C LYS B 121 18.51 -12.02 35.14
N TYR B 122 18.01 -12.59 36.23
CA TYR B 122 17.30 -13.85 36.11
C TYR B 122 15.93 -13.69 35.46
N PHE B 123 15.19 -12.68 35.87
CA PHE B 123 13.90 -12.41 35.27
C PHE B 123 14.10 -12.05 33.81
N GLN B 124 15.21 -11.40 33.49
CA GLN B 124 15.43 -11.05 32.11
C GLN B 124 15.68 -12.35 31.30
N LYS B 125 16.51 -13.26 31.81
CA LYS B 125 16.78 -14.51 31.11
C LYS B 125 15.50 -15.32 30.88
N ALA B 126 14.64 -15.38 31.88
CA ALA B 126 13.39 -16.11 31.74
C ALA B 126 12.52 -15.40 30.72
N ALA B 127 12.50 -14.07 30.80
CA ALA B 127 11.64 -13.26 29.95
C ALA B 127 11.98 -13.41 28.47
N GLU B 128 13.27 -13.44 28.15
CA GLU B 128 13.69 -13.62 26.77
C GLU B 128 13.21 -14.93 26.13
N GLN B 129 13.06 -15.97 26.94
CA GLN B 129 12.70 -17.31 26.51
C GLN B 129 11.17 -17.43 26.42
N GLY B 130 10.47 -16.31 26.54
CA GLY B 130 9.02 -16.29 26.42
C GLY B 130 8.24 -16.68 27.63
N TRP B 131 8.89 -16.71 28.78
CA TRP B 131 8.21 -17.18 29.97
C TRP B 131 7.41 -16.04 30.58
N VAL B 132 6.09 -16.18 30.51
CA VAL B 132 5.21 -15.07 30.83
C VAL B 132 5.43 -14.52 32.22
N ASP B 133 5.64 -15.39 33.19
CA ASP B 133 5.91 -14.97 34.55
C ASP B 133 7.14 -14.11 34.62
N GLY B 134 8.22 -14.55 33.96
CA GLY B 134 9.46 -13.81 34.01
C GLY B 134 9.22 -12.42 33.48
N GLN B 135 8.41 -12.34 32.45
CA GLN B 135 8.04 -11.07 31.86
C GLN B 135 7.23 -10.21 32.83
N LEU B 136 6.32 -10.83 33.57
CA LEU B 136 5.53 -10.10 34.54
C LEU B 136 6.39 -9.54 35.65
N GLN B 137 7.21 -10.41 36.23
CA GLN B 137 8.16 -10.03 37.25
C GLN B 137 9.08 -8.88 36.79
N LEU B 138 9.62 -9.02 35.58
CA LEU B 138 10.51 -8.04 35.00
C LEU B 138 9.79 -6.68 34.88
N GLY B 139 8.54 -6.76 34.41
CA GLY B 139 7.70 -5.61 34.26
C GLY B 139 7.47 -4.88 35.56
N SER B 140 7.21 -5.65 36.61
CA SER B 140 6.99 -5.07 37.93
C SER B 140 8.24 -4.34 38.39
N MET B 141 9.37 -5.01 38.29
CA MET B 141 10.61 -4.35 38.65
C MET B 141 10.88 -3.07 37.90
N TYR B 142 10.53 -3.01 36.60
CA TYR B 142 10.70 -1.77 35.85
C TYR B 142 9.68 -0.70 36.28
N TYR B 143 8.48 -1.16 36.56
CA TYR B 143 7.40 -0.30 36.95
C TYR B 143 7.67 0.37 38.31
N ASN B 144 8.15 -0.42 39.27
CA ASN B 144 8.37 0.04 40.63
C ASN B 144 9.82 0.44 40.88
N GLY B 145 10.63 0.48 39.83
CA GLY B 145 12.02 0.90 39.94
C GLY B 145 12.79 0.15 41.00
N ILE B 146 12.59 -1.17 41.07
CA ILE B 146 13.22 -1.98 42.12
C ILE B 146 14.70 -2.27 41.79
N GLY B 147 14.95 -3.08 40.77
CA GLY B 147 16.31 -3.40 40.36
C GLY B 147 17.01 -2.28 39.61
N VAL B 148 16.22 -1.33 39.13
CA VAL B 148 16.67 -0.31 38.19
C VAL B 148 15.91 1.01 38.38
N LYS B 149 16.22 2.00 37.55
CA LYS B 149 15.51 3.28 37.63
C LYS B 149 14.21 3.09 36.83
N ARG B 150 13.14 3.71 37.28
CA ARG B 150 11.83 3.48 36.67
C ARG B 150 11.78 3.72 35.16
N ASP B 151 11.30 2.73 34.44
CA ASP B 151 11.02 2.85 32.99
C ASP B 151 9.64 2.27 32.69
N TYR B 152 8.65 3.15 32.63
CA TYR B 152 7.28 2.74 32.42
C TYR B 152 7.12 2.10 31.06
N LYS B 153 7.99 2.46 30.13
CA LYS B 153 7.83 1.95 28.79
C LYS B 153 8.38 0.51 28.74
N GLN B 154 9.48 0.24 29.44
CA GLN B 154 10.00 -1.12 29.59
C GLN B 154 8.92 -1.99 30.19
N ALA B 155 8.34 -1.48 31.27
CA ALA B 155 7.26 -2.16 31.95
C ALA B 155 6.18 -2.47 30.93
N LEU B 156 5.82 -1.46 30.12
CA LEU B 156 4.81 -1.65 29.09
C LEU B 156 5.14 -2.76 28.11
N LYS B 157 6.39 -2.84 27.69
CA LYS B 157 6.83 -3.88 26.78
C LYS B 157 6.66 -5.30 27.37
N TYR B 158 7.14 -5.47 28.58
CA TYR B 158 7.09 -6.82 29.16
C TYR B 158 5.68 -7.22 29.57
N PHE B 159 4.90 -6.24 30.01
CA PHE B 159 3.50 -6.48 30.33
C PHE B 159 2.75 -6.85 29.06
N ASN B 160 3.11 -6.20 27.96
CA ASN B 160 2.44 -6.47 26.69
C ASN B 160 2.72 -7.89 26.21
N LEU B 161 3.99 -8.22 26.21
CA LEU B 161 4.43 -9.59 25.92
C LEU B 161 3.65 -10.61 26.75
N ALA B 162 3.59 -10.39 28.07
CA ALA B 162 2.87 -11.31 28.96
C ALA B 162 1.40 -11.48 28.54
N SER B 163 0.79 -10.38 28.12
CA SER B 163 -0.61 -10.40 27.72
C SER B 163 -0.84 -11.10 26.40
N GLN B 164 0.21 -11.16 25.58
CA GLN B 164 0.12 -11.86 24.30
C GLN B 164 0.37 -13.35 24.49
N GLY B 165 0.67 -13.74 25.74
CA GLY B 165 1.04 -15.10 26.06
C GLY B 165 2.53 -15.35 25.90
N GLY B 166 3.31 -14.28 25.87
CA GLY B 166 4.77 -14.37 25.89
C GLY B 166 5.49 -14.08 24.59
N HIS B 167 4.72 -14.11 23.51
CA HIS B 167 5.26 -13.95 22.17
C HIS B 167 4.08 -13.56 21.28
N ILE B 168 4.31 -12.75 20.26
CA ILE B 168 3.21 -12.37 19.37
C ILE B 168 2.53 -13.59 18.69
N LEU B 169 3.28 -14.67 18.46
CA LEU B 169 2.71 -15.84 17.80
C LEU B 169 1.99 -16.84 18.73
N ALA B 170 1.98 -16.58 20.03
CA ALA B 170 1.42 -17.52 21.01
C ALA B 170 -0.03 -17.85 20.72
N PHE B 171 -0.77 -16.85 20.26
CA PHE B 171 -2.19 -16.98 19.94
C PHE B 171 -2.37 -18.17 19.03
N TYR B 172 -1.50 -18.27 18.05
CA TYR B 172 -1.63 -19.31 17.03
C TYR B 172 -1.34 -20.69 17.55
N ASN B 173 -0.45 -20.80 18.52
CA ASN B 173 -0.22 -22.09 19.14
C ASN B 173 -1.45 -22.46 19.93
N LEU B 174 -2.04 -21.47 20.59
CA LEU B 174 -3.24 -21.75 21.38
C LEU B 174 -4.45 -22.00 20.48
N ALA B 175 -4.38 -21.47 19.26
CA ALA B 175 -5.46 -21.58 18.29
C ALA B 175 -5.64 -23.03 17.81
N GLN B 176 -4.64 -23.88 18.07
CA GLN B 176 -4.74 -25.26 17.64
C GLN B 176 -4.83 -26.22 18.83
N MET B 177 -4.38 -25.76 20.00
CA MET B 177 -4.39 -26.57 21.24
C MET B 177 -5.84 -26.81 21.66
N LEU C 5 -21.84 44.53 -17.52
CA LEU C 5 -20.38 44.63 -17.51
C LEU C 5 -19.87 43.48 -18.37
N GLU C 6 -20.80 42.66 -18.86
CA GLU C 6 -20.41 41.64 -19.84
C GLU C 6 -20.30 42.23 -21.24
N GLU C 7 -21.22 43.11 -21.65
CA GLU C 7 -21.01 43.81 -22.93
C GLU C 7 -19.87 44.81 -22.84
N ASP C 8 -19.64 45.40 -21.66
CA ASP C 8 -18.52 46.32 -21.49
C ASP C 8 -17.21 45.57 -21.70
N LEU C 9 -17.23 44.29 -21.32
CA LEU C 9 -16.09 43.41 -21.44
C LEU C 9 -15.93 42.94 -22.90
N ILE C 10 -17.06 42.66 -23.54
CA ILE C 10 -17.10 42.22 -24.94
C ILE C 10 -16.66 43.28 -25.92
N GLN C 11 -17.14 44.48 -25.67
CA GLN C 11 -16.83 45.61 -26.52
C GLN C 11 -15.43 46.10 -26.19
N TYR C 12 -14.99 45.89 -24.94
CA TYR C 12 -13.59 46.20 -24.62
C TYR C 12 -12.69 45.23 -25.38
N TYR C 13 -13.17 44.01 -25.58
CA TYR C 13 -12.44 43.04 -26.40
C TYR C 13 -12.43 43.45 -27.86
N GLN C 14 -13.57 43.87 -28.40
CA GLN C 14 -13.61 44.40 -29.76
C GLN C 14 -12.67 45.58 -29.88
N PHE C 15 -12.52 46.33 -28.80
CA PHE C 15 -11.58 47.45 -28.72
C PHE C 15 -10.15 46.99 -28.85
N LEU C 16 -9.75 45.98 -28.09
CA LEU C 16 -8.38 45.51 -28.25
C LEU C 16 -8.22 44.97 -29.68
N ALA C 17 -9.30 44.44 -30.23
CA ALA C 17 -9.30 43.88 -31.58
C ALA C 17 -9.09 44.97 -32.60
N GLU C 18 -9.62 46.14 -32.30
CA GLU C 18 -9.55 47.29 -33.18
C GLU C 18 -8.11 47.67 -33.46
N LYS C 19 -7.24 47.31 -32.52
CA LYS C 19 -5.86 47.75 -32.54
C LYS C 19 -4.80 46.67 -32.83
N GLY C 20 -5.20 45.48 -33.28
CA GLY C 20 -4.22 44.49 -33.69
C GLY C 20 -3.94 43.54 -32.55
N ASP C 21 -4.79 43.54 -31.53
CA ASP C 21 -4.63 42.53 -30.47
C ASP C 21 -5.03 41.23 -31.15
N VAL C 22 -4.02 40.41 -31.40
CA VAL C 22 -4.21 39.22 -32.19
C VAL C 22 -5.20 38.33 -31.47
N GLN C 23 -4.98 38.16 -30.17
CA GLN C 23 -5.86 37.36 -29.34
C GLN C 23 -7.32 37.76 -29.43
N ALA C 24 -7.56 39.06 -29.55
CA ALA C 24 -8.92 39.55 -29.60
C ALA C 24 -9.55 39.24 -30.94
N GLN C 25 -8.77 39.46 -31.99
CA GLN C 25 -9.22 39.14 -33.31
C GLN C 25 -9.58 37.65 -33.42
N VAL C 26 -8.69 36.77 -32.94
CA VAL C 26 -8.94 35.34 -33.01
C VAL C 26 -10.08 34.91 -32.08
N GLY C 27 -10.07 35.35 -30.83
CA GLY C 27 -11.12 34.96 -29.89
C GLY C 27 -12.50 35.32 -30.40
N LEU C 28 -12.63 36.57 -30.84
CA LEU C 28 -13.89 37.08 -31.36
C LEU C 28 -14.19 36.43 -32.70
N GLY C 29 -13.17 36.25 -33.51
CA GLY C 29 -13.33 35.54 -34.76
C GLY C 29 -13.97 34.18 -34.58
N GLN C 30 -13.49 33.43 -33.58
CA GLN C 30 -13.98 32.10 -33.28
C GLN C 30 -15.43 32.18 -32.84
N LEU C 31 -15.66 33.10 -31.91
CA LEU C 31 -17.01 33.35 -31.43
C LEU C 31 -17.97 33.62 -32.59
N HIS C 32 -17.50 34.34 -33.59
CA HIS C 32 -18.32 34.58 -34.78
C HIS C 32 -18.41 33.35 -35.64
N LEU C 33 -17.41 32.48 -35.52
CA LEU C 33 -17.35 31.30 -36.36
C LEU C 33 -18.42 30.30 -35.99
N HIS C 34 -18.74 30.20 -34.70
CA HIS C 34 -19.76 29.22 -34.34
C HIS C 34 -21.01 29.88 -33.82
N GLY C 35 -20.83 31.11 -33.34
CA GLY C 35 -21.86 31.74 -32.56
C GLY C 35 -21.62 31.27 -31.14
N GLY C 36 -21.44 32.22 -30.24
CA GLY C 36 -21.00 31.92 -28.90
C GLY C 36 -21.47 32.98 -27.93
N ARG C 37 -20.70 33.12 -26.85
CA ARG C 37 -21.08 33.82 -25.61
C ARG C 37 -21.98 35.05 -25.73
N GLY C 38 -21.64 35.96 -26.65
CA GLY C 38 -22.46 37.13 -26.88
C GLY C 38 -22.68 37.40 -28.36
N VAL C 39 -22.28 36.44 -29.18
CA VAL C 39 -22.08 36.68 -30.61
C VAL C 39 -23.07 36.13 -31.63
N GLU C 40 -23.37 36.95 -32.63
CA GLU C 40 -24.18 36.51 -33.76
C GLU C 40 -23.32 35.59 -34.63
N GLN C 41 -23.87 34.49 -35.10
CA GLN C 41 -23.01 33.65 -35.91
C GLN C 41 -22.78 34.54 -37.09
N ASN C 42 -21.54 34.96 -37.24
CA ASN C 42 -21.20 35.93 -38.26
C ASN C 42 -19.94 35.45 -38.94
N HIS C 43 -20.13 34.71 -40.04
CA HIS C 43 -19.01 34.17 -40.77
C HIS C 43 -18.17 35.24 -41.42
N GLN C 44 -18.80 36.35 -41.76
CA GLN C 44 -18.07 37.40 -42.42
C GLN C 44 -17.10 38.01 -41.43
N ARG C 45 -17.60 38.56 -40.32
CA ARG C 45 -16.70 39.11 -39.31
C ARG C 45 -15.72 38.08 -38.70
N ALA C 46 -16.12 36.81 -38.66
CA ALA C 46 -15.20 35.74 -38.26
C ALA C 46 -14.04 35.65 -39.25
N PHE C 47 -14.38 35.58 -40.53
CA PHE C 47 -13.44 35.45 -41.63
C PHE C 47 -12.50 36.65 -41.70
N ASP C 48 -13.04 37.82 -41.37
CA ASP C 48 -12.28 39.07 -41.34
C ASP C 48 -11.30 39.08 -40.20
N TYR C 49 -11.80 38.69 -39.03
CA TYR C 49 -10.97 38.67 -37.84
C TYR C 49 -9.81 37.71 -38.01
N PHE C 50 -10.14 36.55 -38.59
CA PHE C 50 -9.17 35.52 -38.87
C PHE C 50 -8.17 36.01 -39.91
N ASN C 51 -8.63 36.74 -40.91
CA ASN C 51 -7.69 37.24 -41.90
C ASN C 51 -6.70 38.25 -41.36
N LEU C 52 -7.22 39.19 -40.57
CA LEU C 52 -6.38 40.18 -39.89
C LEU C 52 -5.32 39.45 -39.11
N ALA C 53 -5.76 38.55 -38.25
CA ALA C 53 -4.84 37.88 -37.33
C ALA C 53 -3.85 36.98 -38.08
N ALA C 54 -4.31 36.41 -39.20
CA ALA C 54 -3.50 35.53 -40.00
C ALA C 54 -2.36 36.29 -40.64
N ASN C 55 -2.70 37.45 -41.19
CA ASN C 55 -1.69 38.32 -41.77
C ASN C 55 -0.69 38.78 -40.71
N ALA C 56 -1.15 38.85 -39.46
CA ALA C 56 -0.30 39.23 -38.32
C ALA C 56 0.52 38.04 -37.82
N GLY C 57 0.29 36.87 -38.42
CA GLY C 57 1.10 35.70 -38.15
C GLY C 57 0.51 34.67 -37.19
N ASN C 58 -0.76 34.81 -36.86
CA ASN C 58 -1.40 33.90 -35.91
C ASN C 58 -1.79 32.55 -36.55
N SER C 59 -1.20 31.48 -36.01
CA SER C 59 -1.32 30.14 -36.57
C SER C 59 -2.73 29.59 -36.44
N HIS C 60 -3.42 29.95 -35.35
CA HIS C 60 -4.80 29.50 -35.17
C HIS C 60 -5.70 30.10 -36.24
N ALA C 61 -5.49 31.39 -36.51
CA ALA C 61 -6.23 32.11 -37.56
C ALA C 61 -6.02 31.41 -38.89
N MET C 62 -4.76 31.11 -39.20
CA MET C 62 -4.44 30.35 -40.39
C MET C 62 -5.18 29.03 -40.46
N ALA C 63 -5.13 28.23 -39.40
CA ALA C 63 -5.82 26.94 -39.37
C ALA C 63 -7.35 27.07 -39.51
N PHE C 64 -7.95 28.06 -38.87
CA PHE C 64 -9.37 28.38 -39.05
C PHE C 64 -9.70 28.72 -40.52
N LEU C 65 -8.83 29.48 -41.16
CA LEU C 65 -9.04 29.80 -42.56
C LEU C 65 -8.94 28.53 -43.36
N GLY C 66 -7.85 27.77 -43.18
CA GLY C 66 -7.66 26.49 -43.81
C GLY C 66 -8.87 25.56 -43.72
N LYS C 67 -9.52 25.57 -42.55
CA LYS C 67 -10.68 24.72 -42.39
C LYS C 67 -11.86 25.30 -43.17
N MET C 68 -12.16 26.60 -43.03
CA MET C 68 -13.35 27.14 -43.74
C MET C 68 -13.13 27.17 -45.26
N TYR C 69 -11.88 27.02 -45.68
CA TYR C 69 -11.53 26.89 -47.10
C TYR C 69 -11.62 25.43 -47.57
N SER C 70 -11.40 24.48 -46.65
CA SER C 70 -11.58 23.06 -47.01
C SER C 70 -13.08 22.73 -47.10
N GLU C 71 -13.87 23.40 -46.24
CA GLU C 71 -15.33 23.31 -46.25
C GLU C 71 -15.95 23.85 -47.54
N GLY C 72 -15.63 25.10 -47.89
CA GLY C 72 -16.19 25.72 -49.07
C GLY C 72 -17.63 26.12 -48.85
N ILE C 75 -20.12 32.38 -48.46
CA ILE C 75 -18.98 33.29 -48.38
C ILE C 75 -17.62 32.69 -48.81
N VAL C 76 -17.24 31.52 -48.31
CA VAL C 76 -15.90 31.00 -48.62
C VAL C 76 -15.89 29.81 -49.59
N PRO C 77 -15.35 30.02 -50.80
CA PRO C 77 -15.33 29.01 -51.86
C PRO C 77 -14.36 27.89 -51.63
N GLN C 78 -14.78 26.66 -51.88
CA GLN C 78 -13.92 25.52 -51.61
C GLN C 78 -12.65 25.64 -52.43
N SER C 79 -11.52 25.38 -51.77
CA SER C 79 -10.24 25.30 -52.47
C SER C 79 -9.29 24.48 -51.61
N ASN C 80 -9.07 23.22 -51.96
CA ASN C 80 -8.23 22.40 -51.11
C ASN C 80 -6.76 22.79 -51.30
N GLU C 81 -6.51 23.74 -52.19
CA GLU C 81 -5.15 24.20 -52.46
C GLU C 81 -4.80 25.38 -51.55
N THR C 82 -5.80 26.21 -51.25
CA THR C 82 -5.60 27.30 -50.31
C THR C 82 -5.85 26.77 -48.90
N ALA C 83 -6.76 25.83 -48.78
CA ALA C 83 -6.84 25.02 -47.57
C ALA C 83 -5.46 24.42 -47.31
N LEU C 84 -4.83 23.85 -48.34
CA LEU C 84 -3.47 23.30 -48.17
C LEU C 84 -2.44 24.38 -47.76
N HIS C 85 -2.56 25.56 -48.36
CA HIS C 85 -1.70 26.72 -48.06
C HIS C 85 -1.71 27.06 -46.57
N TYR C 86 -2.91 27.20 -46.03
CA TYR C 86 -3.11 27.62 -44.65
C TYR C 86 -2.80 26.54 -43.65
N PHE C 87 -3.28 25.33 -43.92
CA PHE C 87 -2.97 24.22 -43.05
C PHE C 87 -1.47 24.02 -42.99
N LYS C 88 -0.77 24.30 -44.07
CA LYS C 88 0.66 24.06 -44.03
C LYS C 88 1.37 25.20 -43.32
N LYS C 89 0.87 26.42 -43.47
CA LYS C 89 1.48 27.50 -42.70
C LYS C 89 1.29 27.26 -41.20
N ALA C 90 0.06 26.94 -40.80
CA ALA C 90 -0.24 26.61 -39.41
C ALA C 90 0.65 25.47 -38.92
N ALA C 91 0.75 24.40 -39.70
CA ALA C 91 1.52 23.24 -39.29
C ALA C 91 2.98 23.57 -39.08
N ASP C 92 3.54 24.43 -39.95
CA ASP C 92 4.94 24.83 -39.80
C ASP C 92 5.22 25.52 -38.48
N MET C 93 4.16 25.97 -37.83
CA MET C 93 4.35 26.78 -36.64
C MET C 93 3.91 26.01 -35.42
N GLY C 94 3.58 24.74 -35.63
CA GLY C 94 3.23 23.84 -34.55
C GLY C 94 1.75 23.74 -34.23
N ASN C 95 0.91 24.30 -35.09
CA ASN C 95 -0.52 24.25 -34.80
C ASN C 95 -1.11 22.88 -35.05
N PRO C 96 -1.72 22.29 -34.02
CA PRO C 96 -2.24 20.93 -34.13
C PRO C 96 -3.34 20.80 -35.19
N VAL C 97 -4.08 21.87 -35.40
CA VAL C 97 -5.16 21.84 -36.37
C VAL C 97 -4.58 21.78 -37.77
N GLY C 98 -3.53 22.56 -37.98
CA GLY C 98 -2.80 22.51 -39.23
C GLY C 98 -2.20 21.14 -39.45
N GLN C 99 -1.51 20.61 -38.44
CA GLN C 99 -0.90 19.28 -38.54
C GLN C 99 -1.94 18.25 -38.91
N SER C 100 -3.08 18.33 -38.27
CA SER C 100 -4.17 17.41 -38.56
C SER C 100 -4.67 17.61 -39.98
N GLY C 101 -4.79 18.86 -40.44
CA GLY C 101 -5.18 19.15 -41.82
C GLY C 101 -4.28 18.50 -42.87
N LEU C 102 -2.97 18.75 -42.78
CA LEU C 102 -2.02 18.07 -43.65
C LEU C 102 -2.09 16.55 -43.52
N GLY C 103 -2.32 16.08 -42.30
CA GLY C 103 -2.46 14.65 -42.05
C GLY C 103 -3.58 14.11 -42.91
N MET C 104 -4.70 14.82 -42.95
CA MET C 104 -5.84 14.40 -43.76
C MET C 104 -5.47 14.45 -45.24
N ALA C 105 -4.80 15.53 -45.61
CA ALA C 105 -4.38 15.71 -46.99
C ALA C 105 -3.49 14.58 -47.52
N TYR C 106 -2.52 14.14 -46.71
CA TYR C 106 -1.63 13.05 -47.13
C TYR C 106 -2.31 11.69 -46.97
N LEU C 107 -3.27 11.61 -46.06
CA LEU C 107 -4.01 10.35 -45.95
C LEU C 107 -4.90 10.07 -47.16
N TYR C 108 -5.65 11.07 -47.62
CA TYR C 108 -6.63 10.82 -48.68
C TYR C 108 -6.28 11.46 -50.00
N GLY C 109 -5.03 11.92 -50.15
CA GLY C 109 -4.57 12.59 -51.36
C GLY C 109 -5.28 13.89 -51.77
N ARG C 110 -5.53 14.79 -50.83
CA ARG C 110 -6.26 16.04 -51.11
C ARG C 110 -5.34 17.20 -51.46
N GLY C 111 -5.09 17.43 -52.73
CA GLY C 111 -4.21 18.52 -53.12
C GLY C 111 -2.78 18.07 -52.97
N VAL C 112 -2.61 16.80 -52.65
CA VAL C 112 -1.27 16.24 -52.52
C VAL C 112 -1.25 14.76 -52.89
N GLN C 113 -0.07 14.27 -53.24
CA GLN C 113 0.08 12.85 -53.44
C GLN C 113 0.01 12.14 -52.09
N VAL C 114 -0.78 11.08 -52.05
CA VAL C 114 -0.95 10.20 -50.88
C VAL C 114 0.37 9.65 -50.32
N ASN C 115 0.57 9.78 -49.00
CA ASN C 115 1.79 9.33 -48.33
C ASN C 115 1.50 8.94 -46.88
N TYR C 116 1.29 7.66 -46.62
CA TYR C 116 0.79 7.25 -45.31
C TYR C 116 1.76 7.53 -44.18
N ASP C 117 3.07 7.45 -44.44
CA ASP C 117 4.05 7.81 -43.40
C ASP C 117 3.93 9.25 -42.98
N LEU C 118 3.87 10.13 -43.95
CA LEU C 118 3.73 11.55 -43.69
C LEU C 118 2.47 11.84 -42.91
N ALA C 119 1.38 11.18 -43.30
CA ALA C 119 0.11 11.34 -42.62
C ALA C 119 0.25 10.96 -41.16
N LEU C 120 0.88 9.81 -40.93
CA LEU C 120 1.03 9.35 -39.56
C LEU C 120 1.88 10.31 -38.74
N LYS C 121 2.92 10.89 -39.35
CA LYS C 121 3.81 11.74 -38.58
C LYS C 121 3.10 13.09 -38.27
N TYR C 122 2.25 13.55 -39.17
CA TYR C 122 1.51 14.78 -38.89
C TYR C 122 0.45 14.56 -37.82
N PHE C 123 -0.27 13.46 -37.94
CA PHE C 123 -1.27 13.09 -36.93
C PHE C 123 -0.62 12.89 -35.57
N GLN C 124 0.60 12.37 -35.55
CA GLN C 124 1.29 12.18 -34.29
C GLN C 124 1.59 13.50 -33.67
N LYS C 125 2.10 14.43 -34.46
CA LYS C 125 2.42 15.74 -33.91
C LYS C 125 1.15 16.38 -33.34
N ALA C 126 0.02 16.22 -34.02
CA ALA C 126 -1.21 16.81 -33.51
C ALA C 126 -1.66 16.12 -32.23
N ALA C 127 -1.56 14.80 -32.21
CA ALA C 127 -1.99 13.99 -31.09
C ALA C 127 -1.16 14.21 -29.82
N GLU C 128 0.14 14.37 -29.99
CA GLU C 128 1.05 14.65 -28.87
C GLU C 128 0.58 15.89 -28.13
N GLN C 129 -0.11 16.78 -28.84
CA GLN C 129 -0.56 18.04 -28.29
C GLN C 129 -1.95 17.97 -27.68
N GLY C 130 -2.50 16.77 -27.61
CA GLY C 130 -3.81 16.63 -27.02
C GLY C 130 -4.96 16.95 -27.94
N TRP C 131 -4.71 17.00 -29.24
CA TRP C 131 -5.74 17.33 -30.23
C TRP C 131 -6.52 16.07 -30.57
N VAL C 132 -7.77 16.02 -30.12
CA VAL C 132 -8.55 14.79 -30.18
C VAL C 132 -8.74 14.23 -31.59
N ASP C 133 -8.97 15.09 -32.57
CA ASP C 133 -9.15 14.62 -33.96
C ASP C 133 -7.96 13.82 -34.47
N GLY C 134 -6.77 14.34 -34.23
CA GLY C 134 -5.55 13.64 -34.61
C GLY C 134 -5.45 12.31 -33.89
N GLN C 135 -5.81 12.31 -32.61
CA GLN C 135 -5.77 11.08 -31.83
C GLN C 135 -6.72 10.05 -32.44
N LEU C 136 -7.85 10.53 -32.93
CA LEU C 136 -8.81 9.65 -33.59
C LEU C 136 -8.28 9.06 -34.92
N GLN C 137 -7.80 9.91 -35.81
CA GLN C 137 -7.20 9.40 -37.05
C GLN C 137 -6.12 8.38 -36.81
N LEU C 138 -5.20 8.73 -35.92
CA LEU C 138 -4.07 7.88 -35.57
C LEU C 138 -4.54 6.55 -34.99
N GLY C 139 -5.54 6.63 -34.13
CA GLY C 139 -6.12 5.45 -33.55
C GLY C 139 -6.61 4.55 -34.66
N SER C 140 -7.30 5.15 -35.63
CA SER C 140 -7.85 4.38 -36.75
C SER C 140 -6.78 3.72 -37.61
N MET C 141 -5.78 4.50 -38.01
CA MET C 141 -4.67 4.01 -38.81
C MET C 141 -3.96 2.85 -38.14
N TYR C 142 -3.80 2.92 -36.83
CA TYR C 142 -3.17 1.79 -36.14
C TYR C 142 -4.15 0.61 -36.14
N TYR C 143 -5.44 0.91 -36.02
CA TYR C 143 -6.43 -0.16 -35.97
C TYR C 143 -6.50 -0.90 -37.29
N ASN C 144 -6.46 -0.17 -38.42
CA ASN C 144 -6.62 -0.79 -39.74
C ASN C 144 -5.31 -1.08 -40.48
N GLY C 145 -4.18 -0.97 -39.79
CA GLY C 145 -2.89 -1.24 -40.38
C GLY C 145 -2.62 -0.42 -41.63
N ILE C 146 -2.98 0.87 -41.57
CA ILE C 146 -2.86 1.75 -42.72
C ILE C 146 -1.42 2.17 -43.02
N GLY C 147 -0.83 2.99 -42.17
CA GLY C 147 0.55 3.38 -42.42
C GLY C 147 1.59 2.34 -42.04
N VAL C 148 1.21 1.45 -41.13
CA VAL C 148 2.16 0.62 -40.40
C VAL C 148 1.46 -0.71 -40.09
N LYS C 149 2.09 -1.60 -39.34
CA LYS C 149 1.45 -2.88 -39.06
C LYS C 149 0.39 -2.65 -38.01
N ARG C 150 -0.73 -3.33 -38.17
CA ARG C 150 -1.85 -3.20 -37.26
C ARG C 150 -1.44 -3.47 -35.81
N ASP C 151 -1.76 -2.51 -34.95
CA ASP C 151 -1.42 -2.59 -33.53
C ASP C 151 -2.64 -2.28 -32.67
N TYR C 152 -3.33 -3.31 -32.21
CA TYR C 152 -4.61 -3.13 -31.52
C TYR C 152 -4.43 -2.28 -30.28
N LYS C 153 -3.26 -2.39 -29.67
CA LYS C 153 -3.04 -1.75 -28.38
C LYS C 153 -2.75 -0.25 -28.54
N GLN C 154 -1.95 0.12 -29.54
CA GLN C 154 -1.76 1.53 -29.91
C GLN C 154 -3.08 2.21 -30.23
N ALA C 155 -3.87 1.54 -31.07
CA ALA C 155 -5.19 2.00 -31.41
C ALA C 155 -6.01 2.27 -30.14
N LEU C 156 -6.02 1.28 -29.26
CA LEU C 156 -6.77 1.42 -28.03
C LEU C 156 -6.27 2.61 -27.23
N LYS C 157 -4.97 2.78 -27.19
CA LYS C 157 -4.35 3.85 -26.46
C LYS C 157 -4.84 5.22 -26.94
N TYR C 158 -4.84 5.40 -28.26
CA TYR C 158 -5.23 6.70 -28.81
C TYR C 158 -6.73 6.93 -28.69
N PHE C 159 -7.52 5.87 -28.83
CA PHE C 159 -8.97 5.98 -28.65
C PHE C 159 -9.29 6.38 -27.22
N ASN C 160 -8.52 5.83 -26.29
CA ASN C 160 -8.75 6.13 -24.88
C ASN C 160 -8.45 7.61 -24.66
N LEU C 161 -7.33 8.09 -25.18
CA LEU C 161 -7.05 9.53 -25.14
C LEU C 161 -8.19 10.38 -25.67
N ALA C 162 -8.69 10.02 -26.83
CA ALA C 162 -9.78 10.77 -27.42
C ALA C 162 -10.98 10.82 -26.48
N SER C 163 -11.31 9.71 -25.84
CA SER C 163 -12.50 9.69 -24.98
C SER C 163 -12.31 10.52 -23.72
N GLN C 164 -11.06 10.72 -23.33
CA GLN C 164 -10.74 11.55 -22.20
C GLN C 164 -10.68 13.02 -22.58
N GLY C 165 -10.87 13.31 -23.85
CA GLY C 165 -10.77 14.70 -24.27
C GLY C 165 -9.35 15.10 -24.64
N GLY C 166 -8.51 14.11 -24.88
CA GLY C 166 -7.20 14.38 -25.44
C GLY C 166 -6.06 14.26 -24.47
N HIS C 167 -6.43 14.27 -23.20
CA HIS C 167 -5.48 14.25 -22.09
C HIS C 167 -6.27 13.81 -20.87
N ILE C 168 -5.61 13.09 -19.96
CA ILE C 168 -6.28 12.61 -18.74
C ILE C 168 -6.78 13.77 -17.87
N LEU C 169 -6.11 14.91 -17.94
CA LEU C 169 -6.49 16.04 -17.11
C LEU C 169 -7.55 16.95 -17.72
N ALA C 170 -7.94 16.67 -18.95
CA ALA C 170 -8.88 17.55 -19.67
C ALA C 170 -10.18 17.67 -18.90
N PHE C 171 -10.60 16.58 -18.28
CA PHE C 171 -11.81 16.55 -17.49
C PHE C 171 -11.87 17.70 -16.49
N TYR C 172 -10.75 17.98 -15.85
CA TYR C 172 -10.70 19.01 -14.82
C TYR C 172 -10.76 20.43 -15.38
N ASN C 173 -10.17 20.62 -16.55
CA ASN C 173 -10.24 21.88 -17.24
C ASN C 173 -11.70 22.13 -17.67
N LEU C 174 -12.41 21.05 -18.02
CA LEU C 174 -13.81 21.16 -18.44
C LEU C 174 -14.70 21.50 -17.26
N ALA C 175 -14.20 21.24 -16.04
CA ALA C 175 -14.96 21.49 -14.80
C ALA C 175 -15.22 22.98 -14.47
N GLN C 176 -14.47 23.91 -15.06
CA GLN C 176 -14.77 25.33 -14.85
C GLN C 176 -15.24 25.96 -16.15
N MET C 177 -15.08 25.26 -17.28
CA MET C 177 -15.58 25.77 -18.55
C MET C 177 -17.12 25.72 -18.51
N LEU D 5 -18.51 -5.51 -24.99
CA LEU D 5 -17.11 -5.13 -25.13
C LEU D 5 -16.77 -3.93 -24.26
N GLU D 6 -17.72 -3.37 -23.54
CA GLU D 6 -17.36 -2.31 -22.59
C GLU D 6 -16.85 -2.89 -21.27
N GLU D 7 -17.52 -3.93 -20.79
CA GLU D 7 -17.04 -4.62 -19.60
C GLU D 7 -15.72 -5.31 -19.96
N ASP D 8 -15.65 -5.81 -21.20
CA ASP D 8 -14.44 -6.45 -21.68
C ASP D 8 -13.29 -5.46 -21.76
N LEU D 9 -13.61 -4.20 -22.07
CA LEU D 9 -12.59 -3.15 -22.23
C LEU D 9 -12.04 -2.66 -20.92
N ILE D 10 -12.94 -2.45 -19.97
CA ILE D 10 -12.57 -1.99 -18.64
C ILE D 10 -11.77 -3.04 -17.89
N GLN D 11 -12.19 -4.28 -18.07
CA GLN D 11 -11.55 -5.37 -17.39
C GLN D 11 -10.23 -5.72 -18.04
N TYR D 12 -10.16 -5.47 -19.35
CA TYR D 12 -8.91 -5.65 -20.07
C TYR D 12 -7.90 -4.64 -19.60
N TYR D 13 -8.41 -3.46 -19.28
CA TYR D 13 -7.59 -2.41 -18.73
C TYR D 13 -7.10 -2.78 -17.34
N GLN D 14 -8.02 -3.28 -16.51
CA GLN D 14 -7.64 -3.73 -15.18
C GLN D 14 -6.58 -4.80 -15.23
N PHE D 15 -6.68 -5.61 -16.27
CA PHE D 15 -5.74 -6.67 -16.47
C PHE D 15 -4.37 -6.09 -16.79
N LEU D 16 -4.32 -5.13 -17.72
CA LEU D 16 -3.04 -4.51 -18.06
C LEU D 16 -2.41 -3.73 -16.89
N ALA D 17 -3.26 -3.16 -16.04
CA ALA D 17 -2.79 -2.45 -14.86
C ALA D 17 -2.20 -3.43 -13.86
N GLU D 18 -2.78 -4.62 -13.74
CA GLU D 18 -2.20 -5.60 -12.80
C GLU D 18 -0.77 -5.95 -13.24
N LYS D 19 -0.50 -5.82 -14.52
CA LYS D 19 0.77 -6.19 -15.13
C LYS D 19 1.66 -4.98 -15.38
N GLY D 20 1.27 -3.83 -14.82
CA GLY D 20 2.13 -2.67 -14.80
C GLY D 20 1.99 -1.59 -15.87
N ASP D 21 0.91 -1.62 -16.65
CA ASP D 21 0.74 -0.53 -17.60
C ASP D 21 0.43 0.74 -16.81
N VAL D 22 1.37 1.67 -16.84
CA VAL D 22 1.26 2.84 -15.98
C VAL D 22 0.03 3.63 -16.38
N GLN D 23 -0.16 3.86 -17.67
CA GLN D 23 -1.32 4.59 -18.16
C GLN D 23 -2.62 3.98 -17.67
N ALA D 24 -2.64 2.65 -17.63
CA ALA D 24 -3.83 1.91 -17.24
C ALA D 24 -4.11 2.06 -15.74
N GLN D 25 -3.05 2.00 -14.96
CA GLN D 25 -3.20 2.25 -13.54
C GLN D 25 -3.77 3.64 -13.30
N VAL D 26 -3.20 4.68 -13.93
CA VAL D 26 -3.67 6.04 -13.66
C VAL D 26 -5.11 6.25 -14.09
N GLY D 27 -5.45 5.81 -15.30
CA GLY D 27 -6.80 5.91 -15.82
C GLY D 27 -7.80 5.21 -14.91
N LEU D 28 -7.45 4.00 -14.49
CA LEU D 28 -8.33 3.23 -13.61
C LEU D 28 -8.46 3.91 -12.25
N GLY D 29 -7.35 4.39 -11.71
CA GLY D 29 -7.38 5.16 -10.50
C GLY D 29 -8.35 6.34 -10.61
N GLN D 30 -8.28 7.07 -11.72
CA GLN D 30 -9.16 8.22 -11.90
C GLN D 30 -10.63 7.81 -11.96
N LEU D 31 -10.90 6.81 -12.77
CA LEU D 31 -12.25 6.26 -12.89
C LEU D 31 -12.81 5.84 -11.54
N HIS D 32 -11.97 5.27 -10.67
CA HIS D 32 -12.39 4.98 -9.30
C HIS D 32 -12.51 6.23 -8.45
N LEU D 33 -11.75 7.25 -8.81
CA LEU D 33 -11.74 8.47 -8.02
C LEU D 33 -13.08 9.14 -8.16
N HIS D 34 -13.70 8.99 -9.32
CA HIS D 34 -14.97 9.67 -9.55
C HIS D 34 -16.21 8.80 -9.72
N GLY D 35 -16.01 7.52 -10.03
CA GLY D 35 -17.10 6.67 -10.45
C GLY D 35 -17.25 6.91 -11.95
N GLY D 36 -17.11 5.86 -12.73
CA GLY D 36 -16.95 6.04 -14.17
C GLY D 36 -17.50 4.92 -15.01
N ARG D 37 -16.94 4.77 -16.22
CA ARG D 37 -17.54 3.99 -17.31
C ARG D 37 -18.25 2.72 -16.88
N GLY D 38 -17.56 1.86 -16.16
CA GLY D 38 -18.22 0.69 -15.61
C GLY D 38 -17.72 0.60 -14.21
N VAL D 39 -17.00 1.65 -13.84
CA VAL D 39 -16.15 1.60 -12.69
C VAL D 39 -16.85 2.31 -11.54
N GLU D 40 -17.07 1.59 -10.46
CA GLU D 40 -17.77 2.16 -9.33
C GLU D 40 -16.79 2.92 -8.46
N GLN D 41 -17.26 4.04 -7.93
CA GLN D 41 -16.41 4.97 -7.17
C GLN D 41 -15.83 4.35 -5.92
N ASN D 42 -14.52 4.32 -5.87
CA ASN D 42 -13.78 3.79 -4.74
C ASN D 42 -12.47 4.53 -4.46
N HIS D 43 -12.45 5.39 -3.45
CA HIS D 43 -11.24 6.14 -3.10
C HIS D 43 -10.09 5.21 -2.73
N GLN D 44 -10.42 4.04 -2.18
CA GLN D 44 -9.40 3.09 -1.76
C GLN D 44 -8.69 2.57 -2.99
N ARG D 45 -9.45 2.04 -3.93
CA ARG D 45 -8.87 1.50 -5.17
C ARG D 45 -8.14 2.59 -5.95
N ALA D 46 -8.67 3.81 -5.88
CA ALA D 46 -8.03 4.95 -6.53
C ALA D 46 -6.65 5.16 -5.95
N PHE D 47 -6.60 5.21 -4.64
CA PHE D 47 -5.35 5.43 -3.93
C PHE D 47 -4.36 4.31 -4.20
N ASP D 48 -4.87 3.09 -4.33
CA ASP D 48 -4.04 1.93 -4.58
C ASP D 48 -3.39 2.02 -5.96
N TYR D 49 -4.22 2.34 -6.95
CA TYR D 49 -3.72 2.49 -8.31
C TYR D 49 -2.71 3.63 -8.41
N PHE D 50 -3.05 4.78 -7.82
CA PHE D 50 -2.18 5.95 -7.85
C PHE D 50 -0.86 5.65 -7.16
N ASN D 51 -0.87 4.89 -6.07
CA ASN D 51 0.38 4.52 -5.44
C ASN D 51 1.19 3.64 -6.37
N LEU D 52 0.52 2.71 -7.03
CA LEU D 52 1.22 1.87 -8.01
C LEU D 52 1.96 2.72 -9.01
N ALA D 53 1.23 3.61 -9.67
CA ALA D 53 1.83 4.38 -10.76
C ALA D 53 2.85 5.40 -10.25
N ALA D 54 2.60 5.98 -9.08
CA ALA D 54 3.51 6.97 -8.52
C ALA D 54 4.84 6.33 -8.15
N ASN D 55 4.81 5.17 -7.51
CA ASN D 55 6.04 4.43 -7.24
C ASN D 55 6.73 4.04 -8.55
N ALA D 56 5.95 3.92 -9.62
CA ALA D 56 6.48 3.56 -10.94
C ALA D 56 7.05 4.77 -11.68
N GLY D 57 6.85 5.94 -11.11
CA GLY D 57 7.44 7.17 -11.65
C GLY D 57 6.54 8.11 -12.44
N ASN D 58 5.25 7.84 -12.44
CA ASN D 58 4.31 8.68 -13.17
C ASN D 58 3.84 9.95 -12.47
N SER D 59 4.10 11.10 -13.09
CA SER D 59 3.82 12.40 -12.49
C SER D 59 2.35 12.65 -12.22
N HIS D 60 1.49 12.15 -13.09
CA HIS D 60 0.06 12.32 -12.92
C HIS D 60 -0.43 11.65 -11.68
N ALA D 61 0.08 10.44 -11.45
CA ALA D 61 -0.23 9.68 -10.26
C ALA D 61 0.15 10.50 -9.02
N MET D 62 1.38 11.02 -9.04
CA MET D 62 1.89 11.88 -7.98
C MET D 62 0.98 13.05 -7.69
N ALA D 63 0.54 13.73 -8.74
CA ALA D 63 -0.36 14.85 -8.58
C ALA D 63 -1.69 14.43 -7.95
N PHE D 64 -2.26 13.32 -8.42
CA PHE D 64 -3.48 12.77 -7.81
C PHE D 64 -3.34 12.46 -6.33
N LEU D 65 -2.19 11.89 -5.95
CA LEU D 65 -1.94 11.61 -4.55
C LEU D 65 -1.89 12.91 -3.77
N GLY D 66 -1.06 13.85 -4.25
CA GLY D 66 -0.96 15.17 -3.66
C GLY D 66 -2.33 15.74 -3.41
N LYS D 67 -3.23 15.51 -4.35
CA LYS D 67 -4.59 16.01 -4.22
C LYS D 67 -5.37 15.28 -3.12
N MET D 68 -5.27 13.96 -3.09
CA MET D 68 -6.07 13.21 -2.14
C MET D 68 -5.60 13.46 -0.72
N TYR D 69 -4.36 13.91 -0.59
CA TYR D 69 -3.75 14.25 0.70
C TYR D 69 -4.06 15.70 1.04
N SER D 70 -4.30 16.52 0.02
CA SER D 70 -4.69 17.91 0.25
C SER D 70 -6.08 17.99 0.86
N GLU D 71 -6.99 17.23 0.31
CA GLU D 71 -8.30 17.07 0.90
C GLU D 71 -8.40 15.69 1.51
N GLY D 72 -8.15 15.58 2.80
CA GLY D 72 -8.23 14.28 3.44
C GLY D 72 -9.60 13.62 3.34
N SER D 73 -9.61 12.30 3.45
CA SER D 73 -10.84 11.54 3.60
C SER D 73 -10.61 10.50 4.68
N ASP D 74 -11.61 9.65 4.96
CA ASP D 74 -11.37 8.58 5.92
C ASP D 74 -10.39 7.60 5.27
N ILE D 75 -10.44 7.49 3.95
CA ILE D 75 -9.51 6.64 3.22
C ILE D 75 -8.11 7.24 3.25
N VAL D 76 -8.02 8.48 2.80
CA VAL D 76 -6.75 9.17 2.76
C VAL D 76 -6.80 10.36 3.68
N PRO D 77 -6.10 10.30 4.83
CA PRO D 77 -6.12 11.35 5.84
C PRO D 77 -5.28 12.56 5.49
N GLN D 78 -5.85 13.74 5.70
CA GLN D 78 -5.22 14.98 5.30
C GLN D 78 -3.88 15.20 5.97
N SER D 79 -2.92 15.60 5.15
CA SER D 79 -1.58 15.98 5.58
C SER D 79 -1.05 16.87 4.49
N ASN D 80 -1.06 18.17 4.69
CA ASN D 80 -0.68 18.98 3.55
C ASN D 80 0.82 18.92 3.35
N GLU D 81 1.52 18.20 4.21
CA GLU D 81 2.96 18.18 4.07
C GLU D 81 3.39 17.06 3.13
N THR D 82 2.64 15.96 3.15
CA THR D 82 2.89 14.87 2.23
C THR D 82 2.17 15.19 0.91
N ALA D 83 1.05 15.91 0.99
CA ALA D 83 0.47 16.54 -0.19
C ALA D 83 1.53 17.38 -0.89
N LEU D 84 2.27 18.19 -0.12
CA LEU D 84 3.35 18.96 -0.69
C LEU D 84 4.45 18.08 -1.28
N HIS D 85 4.80 17.00 -0.58
CA HIS D 85 5.79 16.05 -1.08
C HIS D 85 5.45 15.60 -2.51
N TYR D 86 4.18 15.20 -2.68
CA TYR D 86 3.75 14.70 -3.98
C TYR D 86 3.61 15.82 -5.03
N PHE D 87 3.05 16.97 -4.67
CA PHE D 87 2.97 18.09 -5.61
C PHE D 87 4.36 18.49 -6.13
N LYS D 88 5.39 18.37 -5.30
CA LYS D 88 6.71 18.77 -5.77
C LYS D 88 7.34 17.67 -6.60
N LYS D 89 7.09 16.40 -6.25
CA LYS D 89 7.61 15.34 -7.12
C LYS D 89 7.02 15.51 -8.52
N ALA D 90 5.71 15.74 -8.56
CA ALA D 90 5.02 15.97 -9.81
C ALA D 90 5.64 17.15 -10.56
N ALA D 91 5.77 18.27 -9.86
CA ALA D 91 6.22 19.52 -10.46
C ALA D 91 7.63 19.45 -11.04
N ASP D 92 8.51 18.64 -10.48
CA ASP D 92 9.84 18.47 -11.04
C ASP D 92 9.83 17.85 -12.46
N MET D 93 8.72 17.25 -12.89
CA MET D 93 8.78 16.45 -14.11
C MET D 93 8.18 16.93 -15.46
N GLY D 94 7.61 18.13 -15.64
CA GLY D 94 7.09 19.04 -14.65
C GLY D 94 5.60 19.14 -14.88
N ASN D 95 4.85 18.44 -14.03
CA ASN D 95 3.40 18.35 -14.11
C ASN D 95 2.66 19.61 -13.69
N PRO D 96 1.75 20.11 -14.55
CA PRO D 96 1.05 21.37 -14.24
C PRO D 96 0.24 21.29 -12.96
N VAL D 97 -0.21 20.11 -12.56
CA VAL D 97 -1.00 20.00 -11.33
C VAL D 97 -0.15 20.21 -10.09
N GLY D 98 1.02 19.58 -10.07
CA GLY D 98 1.95 19.82 -8.99
C GLY D 98 2.32 21.30 -8.98
N GLN D 99 2.66 21.82 -10.17
CA GLN D 99 3.06 23.21 -10.31
C GLN D 99 2.02 24.11 -9.69
N SER D 100 0.75 23.84 -9.99
CA SER D 100 -0.32 24.66 -9.45
C SER D 100 -0.36 24.56 -7.95
N GLY D 101 -0.12 23.34 -7.45
CA GLY D 101 -0.12 23.13 -6.03
C GLY D 101 0.90 23.99 -5.30
N LEU D 102 2.15 23.87 -5.72
CA LEU D 102 3.22 24.67 -5.14
C LEU D 102 2.85 26.15 -5.28
N GLY D 103 2.23 26.50 -6.40
CA GLY D 103 1.78 27.86 -6.61
C GLY D 103 0.86 28.28 -5.48
N MET D 104 -0.10 27.42 -5.14
CA MET D 104 -1.04 27.71 -4.07
C MET D 104 -0.36 27.78 -2.70
N ALA D 105 0.51 26.82 -2.43
CA ALA D 105 1.24 26.73 -1.18
C ALA D 105 2.04 27.99 -0.93
N TYR D 106 2.66 28.53 -1.98
CA TYR D 106 3.43 29.77 -1.87
C TYR D 106 2.54 31.01 -1.88
N LEU D 107 1.37 30.93 -2.50
CA LEU D 107 0.46 32.07 -2.50
C LEU D 107 -0.12 32.31 -1.09
N TYR D 108 -0.54 31.22 -0.44
CA TYR D 108 -1.24 31.28 0.85
C TYR D 108 -0.45 30.64 2.01
N GLY D 109 0.83 30.40 1.79
CA GLY D 109 1.69 29.86 2.83
C GLY D 109 1.24 28.54 3.43
N ARG D 110 0.83 27.58 2.61
CA ARG D 110 0.39 26.31 3.19
C ARG D 110 1.54 25.33 3.28
N GLY D 111 2.24 25.31 4.42
CA GLY D 111 3.39 24.45 4.58
C GLY D 111 4.71 25.02 4.06
N VAL D 112 4.66 26.29 3.63
CA VAL D 112 5.83 27.05 3.17
C VAL D 112 5.58 28.52 3.47
N GLN D 113 6.60 29.36 3.38
CA GLN D 113 6.39 30.79 3.52
C GLN D 113 5.62 31.46 2.38
N VAL D 114 4.73 32.37 2.76
CA VAL D 114 4.02 33.20 1.80
C VAL D 114 5.05 33.84 0.87
N ASN D 115 4.86 33.66 -0.44
CA ASN D 115 5.85 34.04 -1.43
C ASN D 115 5.21 34.35 -2.79
N TYR D 116 4.96 35.62 -3.07
CA TYR D 116 4.18 35.97 -4.24
C TYR D 116 4.87 35.72 -5.58
N ASP D 117 6.20 35.89 -5.64
CA ASP D 117 6.92 35.62 -6.89
C ASP D 117 6.92 34.14 -7.31
N LEU D 118 7.22 33.23 -6.38
CA LEU D 118 7.19 31.80 -6.69
C LEU D 118 5.79 31.38 -7.11
N ALA D 119 4.80 31.89 -6.40
CA ALA D 119 3.42 31.62 -6.73
C ALA D 119 3.16 32.05 -8.17
N LEU D 120 3.62 33.24 -8.52
CA LEU D 120 3.42 33.75 -9.87
C LEU D 120 4.16 32.91 -10.94
N LYS D 121 5.37 32.43 -10.64
CA LYS D 121 6.14 31.68 -11.63
C LYS D 121 5.59 30.27 -11.81
N TYR D 122 5.07 29.70 -10.73
CA TYR D 122 4.44 28.39 -10.81
C TYR D 122 3.10 28.45 -11.52
N PHE D 123 2.26 29.40 -11.15
CA PHE D 123 0.98 29.57 -11.83
C PHE D 123 1.25 29.91 -13.27
N GLN D 124 2.35 30.60 -13.53
CA GLN D 124 2.68 30.93 -14.91
C GLN D 124 3.01 29.64 -15.67
N LYS D 125 3.83 28.77 -15.09
CA LYS D 125 4.15 27.51 -15.74
C LYS D 125 2.94 26.61 -15.98
N ALA D 126 2.07 26.53 -14.98
CA ALA D 126 0.88 25.71 -15.11
C ALA D 126 -0.04 26.28 -16.17
N ALA D 127 -0.15 27.60 -16.18
CA ALA D 127 -1.02 28.30 -17.12
C ALA D 127 -0.57 28.07 -18.54
N GLU D 128 0.75 28.08 -18.73
CA GLU D 128 1.33 27.83 -20.04
C GLU D 128 0.89 26.51 -20.65
N GLN D 129 0.60 25.52 -19.80
CA GLN D 129 0.25 24.19 -20.28
C GLN D 129 -1.26 24.01 -20.43
N GLY D 130 -2.01 25.10 -20.34
CA GLY D 130 -3.45 25.03 -20.46
C GLY D 130 -4.23 24.64 -19.20
N TRP D 131 -3.59 24.67 -18.04
CA TRP D 131 -4.25 24.26 -16.80
C TRP D 131 -5.06 25.43 -16.31
N VAL D 132 -6.38 25.32 -16.42
CA VAL D 132 -7.29 26.44 -16.24
C VAL D 132 -7.16 27.08 -14.87
N ASP D 133 -6.95 26.21 -13.89
CA ASP D 133 -6.86 26.59 -12.50
C ASP D 133 -5.74 27.61 -12.26
N GLY D 134 -4.56 27.30 -12.79
CA GLY D 134 -3.42 28.17 -12.67
C GLY D 134 -3.69 29.49 -13.34
N GLN D 135 -4.38 29.41 -14.47
CA GLN D 135 -4.72 30.59 -15.25
C GLN D 135 -5.61 31.52 -14.42
N LEU D 136 -6.50 30.92 -13.65
CA LEU D 136 -7.37 31.69 -12.76
C LEU D 136 -6.64 32.40 -11.64
N GLN D 137 -5.82 31.63 -10.92
CA GLN D 137 -5.03 32.20 -9.85
C GLN D 137 -4.28 33.43 -10.41
N LEU D 138 -3.63 33.19 -11.54
CA LEU D 138 -2.82 34.19 -12.21
C LEU D 138 -3.62 35.43 -12.60
N GLY D 139 -4.84 35.22 -13.11
CA GLY D 139 -5.73 36.32 -13.44
C GLY D 139 -6.01 37.17 -12.22
N SER D 140 -6.27 36.53 -11.09
CA SER D 140 -6.52 37.26 -9.84
C SER D 140 -5.32 38.12 -9.41
N MET D 141 -4.16 37.47 -9.38
CA MET D 141 -2.93 38.16 -9.00
C MET D 141 -2.63 39.35 -9.88
N TYR D 142 -2.87 39.23 -11.19
CA TYR D 142 -2.65 40.37 -12.10
C TYR D 142 -3.67 41.47 -11.87
N TYR D 143 -4.90 41.09 -11.53
CA TYR D 143 -5.92 42.10 -11.31
C TYR D 143 -5.66 42.95 -10.06
N ASN D 144 -5.26 42.30 -8.97
CA ASN D 144 -5.09 43.05 -7.75
C ASN D 144 -3.65 43.52 -7.51
N GLY D 145 -2.79 43.33 -8.51
CA GLY D 145 -1.38 43.68 -8.39
C GLY D 145 -0.65 43.01 -7.22
N ILE D 146 -0.91 41.72 -7.02
CA ILE D 146 -0.37 40.99 -5.88
C ILE D 146 1.11 40.68 -6.03
N GLY D 147 1.43 39.80 -6.97
CA GLY D 147 2.81 39.45 -7.20
C GLY D 147 3.54 40.50 -8.02
N VAL D 148 2.77 41.32 -8.71
CA VAL D 148 3.31 42.22 -9.73
C VAL D 148 2.50 43.49 -9.81
N LYS D 149 2.80 44.29 -10.82
CA LYS D 149 2.09 45.55 -11.03
C LYS D 149 0.68 45.28 -11.51
N ARG D 150 -0.25 46.14 -11.07
CA ARG D 150 -1.66 46.03 -11.39
C ARG D 150 -1.82 45.98 -12.92
N ASP D 151 -2.29 44.87 -13.47
CA ASP D 151 -2.51 44.86 -14.91
C ASP D 151 -3.85 44.23 -15.27
N TYR D 152 -4.82 45.10 -15.49
CA TYR D 152 -6.18 44.71 -15.79
C TYR D 152 -6.21 43.92 -17.09
N LYS D 153 -5.32 44.27 -17.99
CA LYS D 153 -5.33 43.74 -19.34
C LYS D 153 -4.74 42.32 -19.32
N GLN D 154 -3.66 42.16 -18.57
CA GLN D 154 -3.09 40.83 -18.33
C GLN D 154 -4.07 39.90 -17.64
N ALA D 155 -4.61 40.38 -16.52
CA ALA D 155 -5.56 39.62 -15.73
C ALA D 155 -6.65 39.12 -16.63
N LEU D 156 -7.18 40.05 -17.42
CA LEU D 156 -8.24 39.78 -18.35
C LEU D 156 -7.89 38.74 -19.41
N LYS D 157 -6.69 38.81 -19.97
CA LYS D 157 -6.27 37.83 -20.98
C LYS D 157 -6.23 36.43 -20.35
N TYR D 158 -5.72 36.33 -19.13
CA TYR D 158 -5.67 35.01 -18.48
C TYR D 158 -7.06 34.51 -18.12
N PHE D 159 -7.96 35.45 -17.80
CA PHE D 159 -9.36 35.10 -17.58
C PHE D 159 -10.02 34.57 -18.84
N ASN D 160 -9.67 35.16 -19.97
CA ASN D 160 -10.22 34.69 -21.22
C ASN D 160 -9.70 33.29 -21.52
N LEU D 161 -8.39 33.09 -21.37
CA LEU D 161 -7.84 31.75 -21.49
C LEU D 161 -8.64 30.79 -20.67
N ALA D 162 -8.81 31.09 -19.39
CA ALA D 162 -9.57 30.20 -18.52
C ALA D 162 -10.99 29.91 -19.01
N SER D 163 -11.69 30.94 -19.49
CA SER D 163 -13.06 30.73 -19.90
C SER D 163 -13.13 29.91 -21.20
N GLN D 164 -12.04 29.89 -21.97
CA GLN D 164 -12.03 29.10 -23.20
C GLN D 164 -11.71 27.64 -22.91
N GLY D 165 -11.48 27.32 -21.64
CA GLY D 165 -11.08 25.98 -21.27
C GLY D 165 -9.59 25.74 -21.24
N GLY D 166 -8.81 26.80 -21.14
CA GLY D 166 -7.37 26.68 -20.96
C GLY D 166 -6.60 27.02 -22.22
N HIS D 167 -7.32 27.06 -23.33
CA HIS D 167 -6.75 27.24 -24.66
C HIS D 167 -7.88 27.61 -25.65
N ILE D 168 -7.59 28.37 -26.70
CA ILE D 168 -8.63 28.66 -27.68
C ILE D 168 -9.17 27.38 -28.37
N LEU D 169 -8.35 26.36 -28.55
CA LEU D 169 -8.81 25.12 -29.22
C LEU D 169 -9.44 24.08 -28.30
N ALA D 170 -9.47 24.37 -27.00
CA ALA D 170 -9.90 23.42 -25.99
C ALA D 170 -11.30 22.90 -26.21
N PHE D 171 -12.18 23.78 -26.65
CA PHE D 171 -13.58 23.46 -26.85
C PHE D 171 -13.81 22.21 -27.70
N TYR D 172 -13.04 22.09 -28.78
CA TYR D 172 -13.24 21.01 -29.74
C TYR D 172 -12.81 19.70 -29.15
N ASN D 173 -11.78 19.76 -28.31
CA ASN D 173 -11.32 18.57 -27.62
C ASN D 173 -12.33 18.15 -26.54
N LEU D 174 -12.80 19.13 -25.75
CA LEU D 174 -13.64 18.83 -24.60
C LEU D 174 -15.05 18.42 -24.99
N ALA D 175 -15.47 18.83 -26.18
CA ALA D 175 -16.78 18.47 -26.72
C ALA D 175 -16.90 16.97 -27.12
N GLN D 176 -15.79 16.28 -27.26
CA GLN D 176 -15.83 14.92 -27.82
C GLN D 176 -15.60 13.90 -26.75
N MET D 177 -15.38 14.43 -25.55
CA MET D 177 -15.10 13.66 -24.34
C MET D 177 -16.20 12.72 -23.83
#